data_3KGX
#
_entry.id   3KGX
#
_cell.length_a   61.391
_cell.length_b   112.565
_cell.length_c   117.351
_cell.angle_alpha   90.00
_cell.angle_beta   90.00
_cell.angle_gamma   90.00
#
_symmetry.space_group_name_H-M   'P 21 21 21'
#
loop_
_entity.id
_entity.type
_entity.pdbx_description
1 polymer 'Alanine-glyoxylate aminotransferase'
2 non-polymer 'CHLORIDE ION'
3 non-polymer 'MAGNESIUM ION'
4 non-polymer 1,2-ETHANEDIOL
5 water water
#
_entity_poly.entity_id   1
_entity_poly.type   'polypeptide(L)'
_entity_poly.pdbx_seq_one_letter_code
;GMGSYQLLVPPPEALSKPLSVPTRLLLGPGPSNLAPRVLAAGSLRMIGHMQKEMLQIMEEIKQGIQYVFQTRNPLTLVVS
GSGHCAMETALFNLLEPGDSFLTGTNGIWGMRAAEIADRIGARVHQMIKKPGEHYTLQEVEEGLAQHKPVLLFLVHGESS
TGVVQPLDGFGELCHRYQCLLLVDSVASLGGVPIYMDQQGIDIMYSSSQKVLNAPPGISLISFNDKAKYKVYSRKTKPVS
FYTDITYLAKLWGCEGETRVIHHTTPVTSLYCLRESLALIAEQGLENCWRRHREATAHLHKHLQEMGLKFFVKDPEIRLP
TITTVTVPAGYNWRDIVSYVLDHFSIEISGGLGPTEERVLRIGLLGYNATTENVDRVAEALREALQHCPKNKL
;
_entity_poly.pdbx_strand_id   A,B
#
loop_
_chem_comp.id
_chem_comp.type
_chem_comp.name
_chem_comp.formula
CL non-polymer 'CHLORIDE ION' 'Cl -1'
EDO non-polymer 1,2-ETHANEDIOL 'C2 H6 O2'
MG non-polymer 'MAGNESIUM ION' 'Mg 2'
#
# COMPACT_ATOMS: atom_id res chain seq x y z
N GLN A 6 26.41 25.05 -1.00
CA GLN A 6 25.03 25.32 -0.50
C GLN A 6 23.99 24.50 -1.28
N LEU A 7 23.19 23.69 -0.58
CA LEU A 7 22.13 22.88 -1.22
C LEU A 7 20.94 23.77 -1.58
N LEU A 8 20.24 23.41 -2.65
CA LEU A 8 19.03 24.13 -3.10
C LEU A 8 17.99 24.22 -1.98
N VAL A 9 17.64 23.05 -1.41
CA VAL A 9 16.62 22.92 -0.35
C VAL A 9 17.31 22.64 0.99
N PRO A 10 17.05 23.48 2.04
CA PRO A 10 17.67 23.25 3.35
C PRO A 10 16.89 22.24 4.24
N PRO A 11 17.52 21.74 5.34
CA PRO A 11 16.85 20.83 6.27
C PRO A 11 15.56 21.47 6.85
N PRO A 12 14.40 20.81 6.74
CA PRO A 12 13.17 21.42 7.25
C PRO A 12 13.23 21.61 8.79
N GLU A 13 13.10 22.86 9.25
CA GLU A 13 13.09 23.16 10.69
C GLU A 13 11.96 22.41 11.41
N ALA A 14 10.80 22.28 10.75
CA ALA A 14 9.66 21.54 11.30
C ALA A 14 9.99 20.09 11.74
N LEU A 15 10.90 19.42 11.04
CA LEU A 15 11.34 18.04 11.39
C LEU A 15 12.26 17.93 12.60
N SER A 16 12.88 19.02 13.04
CA SER A 16 13.76 19.03 14.22
C SER A 16 13.03 18.81 15.57
N LYS A 17 11.70 18.98 15.59
CA LYS A 17 10.87 18.80 16.80
C LYS A 17 10.46 17.31 16.92
N PRO A 18 10.37 16.77 18.16
CA PRO A 18 9.99 15.36 18.33
C PRO A 18 8.60 15.04 17.82
N LEU A 19 8.40 13.82 17.31
CA LEU A 19 7.10 13.37 16.82
C LEU A 19 6.23 13.10 18.05
N SER A 20 5.04 13.71 18.06
CA SER A 20 4.03 13.49 19.11
C SER A 20 2.63 13.32 18.47
N VAL A 21 1.93 12.32 18.96
CA VAL A 21 0.60 11.95 18.52
C VAL A 21 -0.25 11.89 19.79
N PRO A 22 -1.38 12.66 19.84
CA PRO A 22 -2.22 12.63 21.03
C PRO A 22 -3.00 11.31 21.20
N THR A 23 -3.44 11.08 22.43
CA THR A 23 -4.17 9.87 22.84
C THR A 23 -5.65 10.21 22.74
N ARG A 24 -6.32 9.60 21.77
CA ARG A 24 -7.75 9.82 21.53
C ARG A 24 -8.49 8.52 21.27
N LEU A 25 -9.80 8.56 21.52
CA LEU A 25 -10.71 7.45 21.29
C LEU A 25 -11.32 7.69 19.89
N LEU A 26 -11.02 6.83 18.93
CA LEU A 26 -11.47 7.02 17.54
C LEU A 26 -12.77 6.24 17.30
N LEU A 27 -13.90 6.95 17.41
CA LEU A 27 -15.22 6.38 17.17
C LEU A 27 -15.86 6.93 15.89
N GLY A 28 -15.04 7.18 14.87
CA GLY A 28 -15.51 7.58 13.56
C GLY A 28 -15.57 6.33 12.69
N PRO A 29 -15.77 6.50 11.37
CA PRO A 29 -15.82 5.41 10.41
C PRO A 29 -14.47 4.73 10.08
N GLY A 30 -13.39 5.15 10.75
CA GLY A 30 -12.07 4.63 10.53
C GLY A 30 -11.10 5.78 10.42
N PRO A 31 -9.83 5.57 10.80
CA PRO A 31 -9.27 4.36 11.38
C PRO A 31 -9.78 4.14 12.81
N SER A 32 -9.72 2.89 13.25
CA SER A 32 -10.10 2.53 14.61
C SER A 32 -8.82 2.49 15.45
N ASN A 33 -8.99 2.48 16.78
CA ASN A 33 -7.86 2.33 17.70
C ASN A 33 -7.29 0.93 17.55
N LEU A 34 -5.98 0.80 17.78
CA LEU A 34 -5.28 -0.48 17.66
C LEU A 34 -5.42 -1.31 18.94
N ALA A 35 -5.63 -2.62 18.80
CA ALA A 35 -5.70 -3.52 19.93
C ALA A 35 -4.29 -3.66 20.53
N PRO A 36 -4.18 -3.95 21.84
CA PRO A 36 -2.86 -4.13 22.49
C PRO A 36 -1.90 -5.09 21.75
N ARG A 37 -2.38 -6.25 21.30
CA ARG A 37 -1.52 -7.20 20.53
CA ARG A 37 -1.52 -7.20 20.58
C ARG A 37 -0.98 -6.57 19.26
N VAL A 38 -1.80 -5.71 18.61
CA VAL A 38 -1.40 -4.98 17.40
C VAL A 38 -0.40 -3.87 17.76
N LEU A 39 -0.67 -3.17 18.88
CA LEU A 39 0.29 -2.16 19.38
C LEU A 39 1.67 -2.79 19.64
N ALA A 40 1.69 -3.92 20.31
CA ALA A 40 2.94 -4.65 20.63
C ALA A 40 3.71 -5.03 19.35
N ALA A 41 2.96 -5.53 18.36
CA ALA A 41 3.52 -5.91 17.05
C ALA A 41 4.22 -4.77 16.30
N GLY A 42 3.75 -3.54 16.54
CA GLY A 42 4.22 -2.33 15.87
C GLY A 42 5.70 -1.96 15.89
N SER A 43 6.40 -2.39 16.94
CA SER A 43 7.84 -2.12 17.14
CA SER A 43 7.84 -2.11 17.13
C SER A 43 8.71 -3.37 16.99
N LEU A 44 8.18 -4.42 16.34
CA LEU A 44 8.97 -5.65 16.09
C LEU A 44 10.04 -5.36 15.02
N ARG A 45 11.19 -6.01 15.16
CA ARG A 45 12.29 -5.85 14.22
C ARG A 45 11.98 -6.44 12.83
N MET A 46 12.70 -5.93 11.84
CA MET A 46 12.57 -6.39 10.48
C MET A 46 13.26 -7.73 10.27
N ILE A 47 12.72 -8.50 9.32
CA ILE A 47 13.37 -9.69 8.77
C ILE A 47 13.18 -9.64 7.25
N GLY A 48 13.97 -10.45 6.54
CA GLY A 48 13.97 -10.46 5.08
C GLY A 48 12.69 -11.01 4.51
N HIS A 49 12.29 -10.47 3.34
CA HIS A 49 11.03 -10.80 2.68
C HIS A 49 10.85 -12.27 2.31
N MET A 50 11.95 -12.92 1.92
CA MET A 50 11.96 -14.33 1.49
C MET A 50 12.46 -15.31 2.56
N GLN A 51 12.70 -14.85 3.79
CA GLN A 51 13.17 -15.70 4.89
C GLN A 51 12.07 -16.65 5.39
N LYS A 52 12.49 -17.82 5.92
CA LYS A 52 11.61 -18.90 6.45
C LYS A 52 10.44 -18.40 7.36
N GLU A 53 10.77 -17.46 8.25
CA GLU A 53 9.83 -16.91 9.21
C GLU A 53 8.82 -15.97 8.55
N MET A 54 9.24 -15.25 7.50
CA MET A 54 8.33 -14.37 6.77
C MET A 54 7.36 -15.26 5.98
N LEU A 55 7.86 -16.33 5.36
CA LEU A 55 7.00 -17.28 4.65
C LEU A 55 5.95 -17.91 5.60
N GLN A 56 6.37 -18.29 6.82
CA GLN A 56 5.44 -18.83 7.81
C GLN A 56 4.39 -17.77 8.21
N ILE A 57 4.81 -16.53 8.46
CA ILE A 57 3.86 -15.44 8.77
C ILE A 57 2.83 -15.24 7.63
N MET A 58 3.29 -15.31 6.39
CA MET A 58 2.40 -15.17 5.22
C MET A 58 1.36 -16.31 5.15
N GLU A 59 1.80 -17.55 5.42
CA GLU A 59 0.87 -18.70 5.42
CA GLU A 59 0.91 -18.72 5.46
C GLU A 59 -0.16 -18.53 6.53
N GLU A 60 0.26 -18.11 7.72
CA GLU A 60 -0.66 -17.88 8.86
C GLU A 60 -1.65 -16.76 8.57
N ILE A 61 -1.18 -15.69 7.92
CA ILE A 61 -2.08 -14.61 7.49
C ILE A 61 -3.15 -15.14 6.48
N LYS A 62 -2.72 -15.93 5.50
CA LYS A 62 -3.67 -16.51 4.53
CA LYS A 62 -3.67 -16.51 4.53
C LYS A 62 -4.73 -17.33 5.25
N GLN A 63 -4.31 -18.18 6.19
CA GLN A 63 -5.23 -18.99 6.99
C GLN A 63 -6.21 -18.13 7.79
N GLY A 64 -5.71 -17.03 8.34
CA GLY A 64 -6.51 -16.05 9.10
C GLY A 64 -7.53 -15.35 8.23
N ILE A 65 -7.11 -14.93 7.04
CA ILE A 65 -8.05 -14.29 6.08
C ILE A 65 -9.12 -15.34 5.67
N GLN A 66 -8.71 -16.57 5.37
CA GLN A 66 -9.66 -17.67 5.05
C GLN A 66 -10.71 -17.89 6.15
N TYR A 67 -10.24 -17.84 7.40
CA TYR A 67 -11.14 -17.93 8.55
C TYR A 67 -12.13 -16.74 8.63
N VAL A 68 -11.64 -15.49 8.56
CA VAL A 68 -12.52 -14.32 8.73
CA VAL A 68 -12.51 -14.31 8.73
C VAL A 68 -13.52 -14.14 7.57
N PHE A 69 -13.07 -14.43 6.34
CA PHE A 69 -13.90 -14.41 5.15
C PHE A 69 -14.84 -15.64 5.07
N GLN A 70 -14.46 -16.73 5.75
CA GLN A 70 -15.13 -18.03 5.66
C GLN A 70 -15.03 -18.55 4.23
N THR A 71 -13.79 -18.70 3.80
CA THR A 71 -13.49 -19.25 2.48
C THR A 71 -12.36 -20.25 2.51
N ARG A 72 -12.38 -21.18 1.58
CA ARG A 72 -11.28 -22.14 1.35
CA ARG A 72 -11.25 -22.11 1.38
C ARG A 72 -10.47 -21.73 0.12
N ASN A 73 -10.79 -20.59 -0.48
CA ASN A 73 -10.09 -20.13 -1.68
C ASN A 73 -8.57 -20.06 -1.48
N PRO A 74 -7.78 -20.79 -2.28
CA PRO A 74 -6.32 -20.61 -2.13
C PRO A 74 -5.81 -19.23 -2.57
N LEU A 75 -6.53 -18.57 -3.48
CA LEU A 75 -6.14 -17.24 -3.98
CA LEU A 75 -6.12 -17.24 -3.99
C LEU A 75 -6.73 -16.21 -3.02
N THR A 76 -6.14 -16.15 -1.83
CA THR A 76 -6.56 -15.26 -0.75
C THR A 76 -5.27 -14.63 -0.26
N LEU A 77 -5.20 -13.31 -0.22
CA LEU A 77 -3.94 -12.64 0.07
C LEU A 77 -4.13 -11.16 0.46
N VAL A 78 -3.01 -10.49 0.65
CA VAL A 78 -2.96 -9.09 1.00
C VAL A 78 -2.44 -8.27 -0.16
N VAL A 79 -3.02 -7.09 -0.37
CA VAL A 79 -2.51 -6.11 -1.32
C VAL A 79 -2.28 -4.77 -0.61
N SER A 80 -1.32 -3.99 -1.07
CA SER A 80 -1.08 -2.66 -0.47
C SER A 80 -2.21 -1.73 -0.82
N GLY A 81 -2.51 -0.83 0.10
CA GLY A 81 -3.53 0.18 -0.11
C GLY A 81 -4.59 0.14 0.96
N SER A 82 -5.11 1.32 1.28
CA SER A 82 -6.07 1.53 2.37
C SER A 82 -7.47 1.86 1.85
N GLY A 83 -8.41 1.91 2.78
CA GLY A 83 -9.82 2.19 2.50
C GLY A 83 -10.43 1.15 1.57
N HIS A 84 -11.04 1.63 0.48
CA HIS A 84 -11.68 0.74 -0.49
C HIS A 84 -10.84 0.61 -1.76
N CYS A 85 -9.53 0.94 -1.74
CA CYS A 85 -8.74 0.92 -2.98
CA CYS A 85 -8.64 0.90 -2.92
C CYS A 85 -8.54 -0.46 -3.63
N ALA A 86 -8.75 -1.56 -2.84
CA ALA A 86 -8.64 -2.96 -3.38
C ALA A 86 -9.69 -3.23 -4.47
N MET A 87 -10.70 -2.36 -4.58
CA MET A 87 -11.62 -2.43 -5.70
C MET A 87 -10.84 -2.31 -7.00
N GLU A 88 -9.75 -1.51 -7.05
CA GLU A 88 -8.96 -1.41 -8.28
C GLU A 88 -8.30 -2.75 -8.63
N THR A 89 -7.74 -3.44 -7.64
CA THR A 89 -7.17 -4.77 -7.89
C THR A 89 -8.24 -5.73 -8.44
N ALA A 90 -9.41 -5.75 -7.80
CA ALA A 90 -10.48 -6.61 -8.29
C ALA A 90 -10.88 -6.25 -9.74
N LEU A 91 -11.15 -4.98 -9.98
CA LEU A 91 -11.65 -4.54 -11.30
C LEU A 91 -10.64 -4.64 -12.46
N PHE A 92 -9.38 -4.28 -12.19
CA PHE A 92 -8.31 -4.36 -13.19
C PHE A 92 -8.12 -5.79 -13.66
N ASN A 93 -8.25 -6.74 -12.73
CA ASN A 93 -8.14 -8.17 -13.09
C ASN A 93 -9.39 -8.74 -13.78
N LEU A 94 -10.55 -8.38 -13.26
CA LEU A 94 -11.80 -9.00 -13.71
C LEU A 94 -12.41 -8.45 -14.98
N LEU A 95 -12.25 -7.15 -15.22
CA LEU A 95 -12.88 -6.48 -16.36
C LEU A 95 -11.93 -6.14 -17.50
N GLU A 96 -12.37 -6.48 -18.70
CA GLU A 96 -11.66 -6.19 -19.94
C GLU A 96 -12.44 -5.08 -20.64
N PRO A 97 -11.78 -4.33 -21.56
CA PRO A 97 -12.52 -3.30 -22.32
C PRO A 97 -13.71 -3.91 -23.02
N GLY A 98 -14.84 -3.23 -22.93
CA GLY A 98 -16.11 -3.69 -23.51
C GLY A 98 -16.93 -4.62 -22.63
N ASP A 99 -16.39 -5.13 -21.51
CA ASP A 99 -17.18 -6.02 -20.62
C ASP A 99 -18.33 -5.24 -19.97
N SER A 100 -19.49 -5.86 -19.93
CA SER A 100 -20.65 -5.31 -19.24
C SER A 100 -20.44 -5.49 -17.72
N PHE A 101 -20.55 -4.40 -16.98
CA PHE A 101 -20.34 -4.36 -15.52
C PHE A 101 -21.54 -3.70 -14.88
N LEU A 102 -22.02 -4.26 -13.77
CA LEU A 102 -23.19 -3.71 -13.07
C LEU A 102 -22.81 -3.38 -11.64
N THR A 103 -23.24 -2.21 -11.15
CA THR A 103 -22.99 -1.81 -9.77
C THR A 103 -24.29 -1.55 -8.98
N GLY A 104 -24.22 -1.85 -7.69
CA GLY A 104 -25.23 -1.44 -6.71
C GLY A 104 -24.78 -0.04 -6.23
N THR A 105 -25.17 0.98 -7.00
CA THR A 105 -24.85 2.39 -6.64
C THR A 105 -25.91 2.98 -5.67
N ASN A 106 -25.73 2.70 -4.38
CA ASN A 106 -26.59 3.21 -3.29
C ASN A 106 -25.79 4.08 -2.32
N GLY A 107 -24.68 4.63 -2.80
CA GLY A 107 -23.79 5.45 -2.00
C GLY A 107 -22.51 5.69 -2.76
N ILE A 108 -21.49 6.17 -2.05
CA ILE A 108 -20.25 6.55 -2.70
C ILE A 108 -19.50 5.36 -3.29
N TRP A 109 -19.60 4.17 -2.69
CA TRP A 109 -18.75 3.07 -3.10
C TRP A 109 -19.09 2.48 -4.46
N GLY A 110 -20.37 2.25 -4.73
CA GLY A 110 -20.80 1.79 -6.05
C GLY A 110 -20.43 2.79 -7.13
N MET A 111 -20.58 4.08 -6.83
CA MET A 111 -20.25 5.15 -7.76
CA MET A 111 -20.24 5.13 -7.79
C MET A 111 -18.73 5.11 -8.09
N ARG A 112 -17.91 4.91 -7.06
CA ARG A 112 -16.45 4.83 -7.22
C ARG A 112 -16.07 3.61 -8.07
N ALA A 113 -16.69 2.45 -7.81
CA ALA A 113 -16.45 1.24 -8.63
C ALA A 113 -16.79 1.49 -10.09
N ALA A 114 -17.91 2.19 -10.32
CA ALA A 114 -18.35 2.58 -11.65
C ALA A 114 -17.32 3.48 -12.33
N GLU A 115 -16.73 4.40 -11.58
CA GLU A 115 -15.72 5.34 -12.12
C GLU A 115 -14.46 4.55 -12.58
N ILE A 116 -13.99 3.66 -11.73
CA ILE A 116 -12.82 2.83 -12.03
C ILE A 116 -13.06 1.97 -13.27
N ALA A 117 -14.22 1.33 -13.36
CA ALA A 117 -14.60 0.49 -14.48
C ALA A 117 -14.70 1.29 -15.78
N ASP A 118 -15.18 2.53 -15.69
CA ASP A 118 -15.23 3.42 -16.86
C ASP A 118 -13.82 3.70 -17.38
N ARG A 119 -12.89 3.99 -16.46
CA ARG A 119 -11.49 4.27 -16.80
C ARG A 119 -10.75 3.14 -17.51
N ILE A 120 -11.13 1.90 -17.24
CA ILE A 120 -10.52 0.74 -17.89
C ILE A 120 -11.30 0.29 -19.12
N GLY A 121 -12.37 0.99 -19.49
CA GLY A 121 -13.11 0.73 -20.73
C GLY A 121 -14.27 -0.23 -20.68
N ALA A 122 -14.73 -0.59 -19.49
CA ALA A 122 -15.91 -1.43 -19.34
C ALA A 122 -17.15 -0.66 -19.75
N ARG A 123 -18.22 -1.40 -20.10
CA ARG A 123 -19.54 -0.81 -20.40
C ARG A 123 -20.23 -0.85 -19.03
N VAL A 124 -20.29 0.33 -18.39
CA VAL A 124 -20.74 0.45 -17.00
C VAL A 124 -22.23 0.73 -16.90
N HIS A 125 -22.91 -0.10 -16.11
CA HIS A 125 -24.34 -0.02 -15.85
C HIS A 125 -24.51 0.07 -14.34
N GLN A 126 -25.45 0.89 -13.87
CA GLN A 126 -25.67 1.13 -12.44
C GLN A 126 -27.12 1.03 -12.05
N MET A 127 -27.37 0.37 -10.91
CA MET A 127 -28.67 0.33 -10.28
C MET A 127 -28.52 1.44 -9.25
N ILE A 128 -29.12 2.59 -9.54
CA ILE A 128 -29.05 3.74 -8.66
C ILE A 128 -30.22 3.76 -7.70
N LYS A 129 -29.93 3.78 -6.41
CA LYS A 129 -30.95 3.90 -5.36
C LYS A 129 -30.58 5.04 -4.43
N LYS A 130 -31.58 5.52 -3.71
CA LYS A 130 -31.40 6.64 -2.78
C LYS A 130 -30.49 6.24 -1.62
N PRO A 131 -29.66 7.18 -1.09
CA PRO A 131 -28.80 6.87 0.07
C PRO A 131 -29.66 6.50 1.26
N GLY A 132 -29.33 5.39 1.90
CA GLY A 132 -30.11 4.83 3.02
C GLY A 132 -30.88 3.58 2.64
N GLU A 133 -30.88 3.22 1.34
CA GLU A 133 -31.59 2.03 0.86
C GLU A 133 -30.61 0.91 0.48
N HIS A 134 -31.17 -0.31 0.40
CA HIS A 134 -30.45 -1.50 0.01
C HIS A 134 -31.13 -2.09 -1.24
N TYR A 135 -30.53 -3.16 -1.78
CA TYR A 135 -31.03 -3.86 -2.97
C TYR A 135 -31.75 -5.14 -2.60
N THR A 136 -32.91 -5.38 -3.23
CA THR A 136 -33.63 -6.65 -3.07
C THR A 136 -33.14 -7.58 -4.18
N LEU A 137 -33.43 -8.87 -4.04
CA LEU A 137 -33.12 -9.88 -5.08
C LEU A 137 -33.83 -9.54 -6.40
N GLN A 138 -35.05 -9.02 -6.30
CA GLN A 138 -35.86 -8.68 -7.45
CA GLN A 138 -35.85 -8.67 -7.48
C GLN A 138 -35.20 -7.52 -8.23
N GLU A 139 -34.71 -6.53 -7.51
CA GLU A 139 -34.02 -5.38 -8.15
C GLU A 139 -32.77 -5.82 -8.87
N VAL A 140 -31.96 -6.64 -8.21
CA VAL A 140 -30.73 -7.13 -8.81
C VAL A 140 -31.05 -8.01 -10.03
N GLU A 141 -32.08 -8.87 -9.95
CA GLU A 141 -32.45 -9.71 -11.09
C GLU A 141 -32.87 -8.85 -12.31
N GLU A 142 -33.60 -7.77 -12.05
CA GLU A 142 -33.99 -6.82 -13.11
C GLU A 142 -32.74 -6.19 -13.76
N GLY A 143 -31.75 -5.80 -12.94
CA GLY A 143 -30.47 -5.29 -13.47
C GLY A 143 -29.69 -6.30 -14.31
N LEU A 144 -29.57 -7.53 -13.82
CA LEU A 144 -28.88 -8.61 -14.54
C LEU A 144 -29.52 -8.90 -15.90
N ALA A 145 -30.85 -9.00 -15.91
CA ALA A 145 -31.63 -9.23 -17.14
C ALA A 145 -31.49 -8.12 -18.17
N GLN A 146 -31.51 -6.87 -17.71
CA GLN A 146 -31.39 -5.71 -18.60
CA GLN A 146 -31.39 -5.70 -18.60
C GLN A 146 -30.00 -5.54 -19.20
N HIS A 147 -28.97 -5.66 -18.36
CA HIS A 147 -27.59 -5.38 -18.76
C HIS A 147 -26.67 -6.53 -19.07
N LYS A 148 -27.07 -7.76 -18.70
CA LYS A 148 -26.28 -8.96 -18.95
C LYS A 148 -24.78 -8.79 -18.58
N PRO A 149 -24.49 -8.36 -17.34
CA PRO A 149 -23.12 -8.12 -16.92
C PRO A 149 -22.32 -9.40 -16.70
N VAL A 150 -21.00 -9.29 -16.83
CA VAL A 150 -20.07 -10.39 -16.46
C VAL A 150 -19.74 -10.34 -14.96
N LEU A 151 -19.99 -9.19 -14.33
CA LEU A 151 -19.58 -8.94 -12.92
C LEU A 151 -20.59 -7.98 -12.32
N LEU A 152 -21.04 -8.28 -11.12
CA LEU A 152 -21.85 -7.39 -10.29
C LEU A 152 -21.00 -6.97 -9.10
N PHE A 153 -20.99 -5.67 -8.81
CA PHE A 153 -20.33 -5.11 -7.63
C PHE A 153 -21.44 -4.77 -6.62
N LEU A 154 -21.37 -5.36 -5.42
CA LEU A 154 -22.34 -5.12 -4.35
C LEU A 154 -21.60 -4.72 -3.08
N VAL A 155 -22.02 -3.64 -2.44
CA VAL A 155 -21.40 -3.19 -1.20
C VAL A 155 -22.11 -3.80 0.00
N HIS A 156 -21.37 -4.52 0.85
CA HIS A 156 -21.96 -5.14 2.05
C HIS A 156 -22.24 -4.10 3.13
N GLY A 157 -21.19 -3.38 3.49
CA GLY A 157 -21.22 -2.29 4.47
C GLY A 157 -21.06 -0.95 3.80
N GLU A 158 -22.17 -0.24 3.63
CA GLU A 158 -22.14 1.06 2.95
C GLU A 158 -21.85 2.10 4.03
N SER A 159 -20.56 2.40 4.18
CA SER A 159 -20.08 3.32 5.20
C SER A 159 -20.41 4.80 4.94
N SER A 160 -20.76 5.17 3.71
CA SER A 160 -21.21 6.56 3.44
C SER A 160 -22.65 6.74 3.89
N THR A 161 -23.48 5.69 3.85
CA THR A 161 -24.91 5.79 4.24
C THR A 161 -25.35 5.06 5.54
N GLY A 162 -24.48 4.24 6.11
CA GLY A 162 -24.78 3.45 7.31
C GLY A 162 -25.70 2.27 7.06
N VAL A 163 -25.62 1.73 5.84
CA VAL A 163 -26.44 0.61 5.37
C VAL A 163 -25.70 -0.73 5.32
N VAL A 164 -26.39 -1.78 5.80
CA VAL A 164 -25.92 -3.16 5.67
C VAL A 164 -26.84 -3.86 4.63
N GLN A 165 -26.21 -4.45 3.62
CA GLN A 165 -26.87 -5.14 2.53
C GLN A 165 -27.06 -6.63 2.83
N PRO A 166 -28.29 -7.17 2.73
CA PRO A 166 -28.47 -8.63 2.85
C PRO A 166 -27.70 -9.32 1.73
N LEU A 167 -27.03 -10.43 2.04
CA LEU A 167 -26.20 -11.19 1.08
C LEU A 167 -26.78 -12.53 0.64
N ASP A 168 -27.74 -13.12 1.37
CA ASP A 168 -28.26 -14.43 0.97
C ASP A 168 -28.94 -14.40 -0.38
N GLY A 169 -28.59 -15.37 -1.22
CA GLY A 169 -29.16 -15.57 -2.54
C GLY A 169 -28.61 -14.79 -3.70
N PHE A 170 -27.86 -13.69 -3.45
CA PHE A 170 -27.36 -12.83 -4.50
C PHE A 170 -26.33 -13.49 -5.43
N GLY A 171 -25.43 -14.27 -4.85
CA GLY A 171 -24.39 -14.96 -5.64
C GLY A 171 -25.01 -15.95 -6.62
N GLU A 172 -25.94 -16.76 -6.15
CA GLU A 172 -26.57 -17.75 -7.05
C GLU A 172 -27.49 -17.10 -8.08
N LEU A 173 -28.15 -16.00 -7.71
CA LEU A 173 -28.88 -15.22 -8.71
C LEU A 173 -27.94 -14.77 -9.83
N CYS A 174 -26.77 -14.21 -9.46
CA CYS A 174 -25.78 -13.81 -10.44
C CYS A 174 -25.33 -14.98 -11.33
N HIS A 175 -25.07 -16.14 -10.72
CA HIS A 175 -24.58 -17.31 -11.48
C HIS A 175 -25.55 -17.78 -12.55
N ARG A 176 -26.84 -17.65 -12.26
CA ARG A 176 -27.91 -17.98 -13.23
CA ARG A 176 -27.90 -17.99 -13.23
C ARG A 176 -27.85 -17.11 -14.49
N TYR A 177 -27.26 -15.90 -14.36
CA TYR A 177 -27.05 -14.97 -15.46
C TYR A 177 -25.60 -14.96 -15.98
N GLN A 178 -24.82 -16.01 -15.67
CA GLN A 178 -23.41 -16.14 -16.05
C GLN A 178 -22.59 -14.89 -15.60
N CYS A 179 -22.92 -14.37 -14.43
CA CYS A 179 -22.29 -13.17 -13.81
C CYS A 179 -21.63 -13.51 -12.48
N LEU A 180 -20.45 -12.98 -12.24
CA LEU A 180 -19.74 -13.13 -10.99
C LEU A 180 -20.17 -12.10 -9.98
N LEU A 181 -20.06 -12.42 -8.69
CA LEU A 181 -20.37 -11.50 -7.58
C LEU A 181 -19.11 -11.09 -6.83
N LEU A 182 -18.86 -9.77 -6.86
CA LEU A 182 -17.80 -9.12 -6.14
C LEU A 182 -18.45 -8.32 -5.01
N VAL A 183 -18.01 -8.56 -3.77
CA VAL A 183 -18.52 -7.87 -2.59
C VAL A 183 -17.44 -7.04 -1.90
N ASP A 184 -17.80 -5.81 -1.52
CA ASP A 184 -16.99 -4.91 -0.71
C ASP A 184 -17.45 -5.09 0.74
N SER A 185 -16.57 -5.62 1.57
CA SER A 185 -16.83 -5.79 3.01
C SER A 185 -15.79 -5.04 3.87
N VAL A 186 -15.28 -3.94 3.36
CA VAL A 186 -14.32 -3.09 4.11
C VAL A 186 -14.90 -2.66 5.49
N ALA A 187 -16.13 -2.17 5.50
CA ALA A 187 -16.73 -1.61 6.73
C ALA A 187 -17.51 -2.63 7.55
N SER A 188 -17.66 -3.85 7.04
CA SER A 188 -18.49 -4.88 7.68
C SER A 188 -17.74 -6.09 8.17
N LEU A 189 -16.67 -6.50 7.48
CA LEU A 189 -15.92 -7.72 7.83
C LEU A 189 -15.54 -7.74 9.32
N GLY A 190 -15.84 -8.86 9.99
CA GLY A 190 -15.57 -9.04 11.41
C GLY A 190 -16.66 -8.51 12.33
N GLY A 191 -17.55 -7.66 11.83
CA GLY A 191 -18.67 -7.07 12.59
C GLY A 191 -20.06 -7.52 12.19
N VAL A 192 -20.20 -8.08 11.00
CA VAL A 192 -21.46 -8.51 10.44
C VAL A 192 -21.25 -9.92 9.81
N PRO A 193 -22.23 -10.85 10.01
CA PRO A 193 -22.07 -12.17 9.40
C PRO A 193 -21.87 -12.17 7.86
N ILE A 194 -20.82 -12.88 7.42
CA ILE A 194 -20.51 -13.13 6.00
C ILE A 194 -19.96 -14.54 5.91
N TYR A 195 -20.37 -15.28 4.89
CA TYR A 195 -19.92 -16.64 4.66
C TYR A 195 -19.61 -16.68 3.17
N MET A 196 -18.38 -16.33 2.83
CA MET A 196 -18.04 -16.12 1.45
C MET A 196 -18.41 -17.27 0.50
N ASP A 197 -17.94 -18.47 0.80
CA ASP A 197 -18.20 -19.63 -0.07
C ASP A 197 -19.66 -20.03 -0.02
N GLN A 198 -20.21 -20.11 1.19
CA GLN A 198 -21.61 -20.53 1.39
CA GLN A 198 -21.61 -20.54 1.36
C GLN A 198 -22.63 -19.61 0.73
N GLN A 199 -22.33 -18.31 0.68
CA GLN A 199 -23.22 -17.34 0.07
C GLN A 199 -22.97 -17.16 -1.45
N GLY A 200 -22.06 -17.93 -2.04
CA GLY A 200 -21.82 -17.84 -3.47
C GLY A 200 -21.10 -16.59 -3.94
N ILE A 201 -20.38 -15.94 -3.04
CA ILE A 201 -19.62 -14.74 -3.35
C ILE A 201 -18.31 -15.21 -4.02
N ASP A 202 -17.98 -14.61 -5.16
CA ASP A 202 -16.83 -15.06 -5.97
C ASP A 202 -15.57 -14.29 -5.69
N ILE A 203 -15.70 -13.01 -5.42
CA ILE A 203 -14.57 -12.15 -5.09
C ILE A 203 -15.01 -11.26 -3.94
N MET A 204 -14.13 -11.04 -2.98
CA MET A 204 -14.44 -10.14 -1.85
C MET A 204 -13.17 -9.47 -1.36
N TYR A 205 -13.28 -8.22 -0.97
CA TYR A 205 -12.17 -7.54 -0.33
C TYR A 205 -12.63 -6.78 0.90
N SER A 206 -11.65 -6.52 1.76
CA SER A 206 -11.81 -5.73 2.99
C SER A 206 -10.46 -5.03 3.26
N SER A 207 -10.40 -4.32 4.39
CA SER A 207 -9.29 -3.48 4.84
CA SER A 207 -9.18 -3.63 4.75
C SER A 207 -8.85 -3.84 6.22
N SER A 208 -7.65 -3.39 6.61
CA SER A 208 -7.10 -3.62 7.94
C SER A 208 -7.58 -2.67 9.05
N GLN A 209 -8.10 -1.50 8.67
CA GLN A 209 -8.29 -0.39 9.63
C GLN A 209 -9.66 -0.15 10.22
N LYS A 210 -10.62 -1.01 9.91
CA LYS A 210 -11.98 -0.86 10.39
C LYS A 210 -12.09 -1.84 11.58
N VAL A 211 -12.93 -2.89 11.49
CA VAL A 211 -13.11 -3.85 12.60
C VAL A 211 -11.81 -4.57 13.03
N LEU A 212 -10.91 -4.84 12.07
CA LEU A 212 -9.66 -5.53 12.34
C LEU A 212 -8.68 -4.80 13.26
N ASN A 213 -8.79 -3.48 13.38
CA ASN A 213 -8.00 -2.69 14.36
C ASN A 213 -6.50 -2.77 14.09
N ALA A 214 -6.12 -2.79 12.80
CA ALA A 214 -4.73 -2.79 12.40
C ALA A 214 -4.47 -1.43 11.76
N PRO A 215 -3.19 -1.07 11.58
CA PRO A 215 -2.93 0.21 10.95
C PRO A 215 -3.44 0.29 9.48
N PRO A 216 -3.80 1.50 9.00
CA PRO A 216 -4.24 1.59 7.60
C PRO A 216 -3.09 1.28 6.63
N GLY A 217 -3.43 0.85 5.42
CA GLY A 217 -2.42 0.65 4.40
C GLY A 217 -2.37 -0.72 3.76
N ILE A 218 -3.13 -1.67 4.30
CA ILE A 218 -3.23 -2.98 3.63
C ILE A 218 -4.66 -3.47 3.54
N SER A 219 -4.90 -4.14 2.44
CA SER A 219 -6.22 -4.70 2.16
CA SER A 219 -6.21 -4.69 2.11
C SER A 219 -6.14 -6.21 1.99
N LEU A 220 -7.29 -6.84 2.14
CA LEU A 220 -7.47 -8.28 2.12
CA LEU A 220 -7.47 -8.29 2.13
C LEU A 220 -8.33 -8.60 0.92
N ILE A 221 -7.94 -9.59 0.12
CA ILE A 221 -8.72 -9.94 -1.07
C ILE A 221 -8.67 -11.42 -1.33
N SER A 222 -9.80 -11.94 -1.83
CA SER A 222 -9.95 -13.36 -2.15
C SER A 222 -10.73 -13.53 -3.45
N PHE A 223 -10.23 -14.40 -4.33
CA PHE A 223 -10.86 -14.72 -5.62
C PHE A 223 -11.04 -16.25 -5.62
N ASN A 224 -12.25 -16.72 -5.95
CA ASN A 224 -12.46 -18.16 -6.12
C ASN A 224 -11.96 -18.61 -7.51
N ASP A 225 -12.01 -19.90 -7.79
CA ASP A 225 -11.55 -20.42 -9.10
C ASP A 225 -12.40 -19.96 -10.28
N LYS A 226 -13.71 -19.72 -10.06
CA LYS A 226 -14.58 -19.17 -11.11
CA LYS A 226 -14.61 -19.18 -11.10
C LYS A 226 -14.09 -17.78 -11.54
N ALA A 227 -13.70 -16.97 -10.55
CA ALA A 227 -13.16 -15.62 -10.77
C ALA A 227 -11.76 -15.70 -11.45
N LYS A 228 -10.91 -16.63 -11.00
CA LYS A 228 -9.59 -16.85 -11.62
C LYS A 228 -9.75 -17.26 -13.10
N TYR A 229 -10.75 -18.10 -13.39
CA TYR A 229 -11.12 -18.51 -14.76
C TYR A 229 -11.43 -17.31 -15.66
N LYS A 230 -12.19 -16.36 -15.13
CA LYS A 230 -12.47 -15.09 -15.86
C LYS A 230 -11.17 -14.36 -16.20
N VAL A 231 -10.26 -14.22 -15.23
CA VAL A 231 -8.98 -13.55 -15.42
C VAL A 231 -8.12 -14.29 -16.45
N TYR A 232 -8.04 -15.61 -16.33
CA TYR A 232 -7.28 -16.40 -17.32
C TYR A 232 -7.88 -16.48 -18.72
N SER A 233 -9.17 -16.16 -18.87
CA SER A 233 -9.85 -16.08 -20.15
C SER A 233 -9.63 -14.74 -20.88
N ARG A 234 -8.93 -13.79 -20.25
CA ARG A 234 -8.76 -12.45 -20.82
C ARG A 234 -7.99 -12.43 -22.16
N LYS A 235 -8.39 -11.54 -23.06
CA LYS A 235 -7.68 -11.32 -24.33
C LYS A 235 -6.38 -10.56 -24.09
N THR A 236 -6.36 -9.66 -23.09
CA THR A 236 -5.20 -8.84 -22.79
C THR A 236 -4.85 -8.93 -21.30
N LYS A 237 -3.59 -8.64 -21.00
CA LYS A 237 -3.08 -8.60 -19.63
C LYS A 237 -3.73 -7.41 -18.88
N PRO A 238 -3.99 -7.56 -17.56
CA PRO A 238 -4.46 -6.47 -16.73
C PRO A 238 -3.55 -5.25 -16.86
N VAL A 239 -4.10 -4.05 -16.75
CA VAL A 239 -3.30 -2.83 -16.92
C VAL A 239 -2.17 -2.65 -15.90
N SER A 240 -2.35 -3.22 -14.69
CA SER A 240 -1.38 -3.13 -13.62
C SER A 240 -0.62 -4.45 -13.51
N PHE A 241 0.69 -4.38 -13.62
CA PHE A 241 1.54 -5.54 -13.36
C PHE A 241 1.52 -5.89 -11.85
N TYR A 242 1.68 -4.88 -11.02
CA TYR A 242 1.83 -5.08 -9.58
C TYR A 242 0.61 -5.61 -8.85
N THR A 243 -0.59 -5.38 -9.40
CA THR A 243 -1.81 -5.94 -8.82
C THR A 243 -2.42 -7.06 -9.69
N ASP A 244 -1.72 -7.49 -10.74
CA ASP A 244 -2.11 -8.61 -11.58
C ASP A 244 -2.13 -9.86 -10.67
N ILE A 245 -3.27 -10.55 -10.63
CA ILE A 245 -3.42 -11.78 -9.79
CA ILE A 245 -3.43 -11.73 -9.76
C ILE A 245 -2.46 -12.88 -10.15
N THR A 246 -1.99 -12.90 -11.40
CA THR A 246 -0.99 -13.91 -11.80
CA THR A 246 -0.96 -13.82 -11.91
C THR A 246 0.35 -13.62 -11.12
N TYR A 247 0.64 -12.36 -10.80
CA TYR A 247 1.87 -11.98 -10.06
C TYR A 247 1.67 -12.18 -8.56
N LEU A 248 0.56 -11.63 -8.05
CA LEU A 248 0.23 -11.73 -6.62
C LEU A 248 0.12 -13.17 -6.14
N ALA A 249 -0.46 -14.05 -6.95
CA ALA A 249 -0.63 -15.47 -6.57
C ALA A 249 0.71 -16.16 -6.33
N LYS A 250 1.69 -15.87 -7.20
CA LYS A 250 3.04 -16.41 -7.08
C LYS A 250 3.70 -15.91 -5.78
N LEU A 251 3.69 -14.58 -5.61
CA LEU A 251 4.24 -13.90 -4.42
C LEU A 251 3.74 -14.48 -3.08
N TRP A 252 2.44 -14.75 -3.03
CA TRP A 252 1.78 -15.29 -1.84
C TRP A 252 1.72 -16.83 -1.74
N GLY A 253 2.43 -17.54 -2.63
CA GLY A 253 2.46 -19.02 -2.60
C GLY A 253 1.09 -19.70 -2.76
N CYS A 254 0.25 -19.12 -3.63
CA CYS A 254 -1.13 -19.63 -3.87
C CYS A 254 -1.27 -20.74 -4.93
N GLU A 255 -0.17 -21.08 -5.59
CA GLU A 255 -0.13 -22.12 -6.63
C GLU A 255 1.08 -23.05 -6.42
N GLY A 256 1.14 -23.68 -5.26
CA GLY A 256 2.22 -24.61 -4.90
C GLY A 256 3.54 -23.93 -4.59
N VAL A 260 7.41 -19.59 -5.58
CA VAL A 260 7.30 -18.24 -5.04
C VAL A 260 8.34 -17.30 -5.70
N ILE A 261 7.95 -16.03 -5.87
CA ILE A 261 8.77 -14.97 -6.51
C ILE A 261 9.57 -14.10 -5.50
N HIS A 262 10.14 -13.00 -6.01
CA HIS A 262 10.80 -11.94 -5.24
C HIS A 262 9.75 -10.82 -5.08
N HIS A 263 9.75 -10.13 -3.93
CA HIS A 263 8.84 -8.99 -3.69
C HIS A 263 9.03 -8.34 -2.33
N THR A 264 8.66 -7.05 -2.26
CA THR A 264 8.79 -6.23 -1.06
C THR A 264 7.43 -6.05 -0.37
N THR A 265 6.85 -7.11 0.18
CA THR A 265 5.58 -6.99 0.94
C THR A 265 5.82 -6.15 2.23
N PRO A 266 4.82 -5.38 2.68
CA PRO A 266 5.02 -4.55 3.89
C PRO A 266 5.13 -5.36 5.20
N VAL A 267 6.36 -5.69 5.57
CA VAL A 267 6.70 -6.51 6.76
C VAL A 267 5.96 -6.16 8.06
N THR A 268 6.08 -4.91 8.51
CA THR A 268 5.41 -4.45 9.76
C THR A 268 3.90 -4.49 9.67
N SER A 269 3.36 -4.15 8.49
CA SER A 269 1.92 -4.25 8.22
C SER A 269 1.48 -5.72 8.34
N LEU A 270 2.33 -6.66 7.88
CA LEU A 270 2.03 -8.10 8.03
C LEU A 270 2.07 -8.55 9.49
N TYR A 271 3.01 -8.05 10.29
CA TYR A 271 3.01 -8.41 11.73
C TYR A 271 1.70 -7.97 12.38
N CYS A 272 1.30 -6.71 12.12
CA CYS A 272 0.08 -6.17 12.72
C CYS A 272 -1.19 -6.93 12.27
N LEU A 273 -1.31 -7.20 10.96
CA LEU A 273 -2.42 -7.97 10.44
C LEU A 273 -2.46 -9.38 11.05
N ARG A 274 -1.31 -10.02 11.18
CA ARG A 274 -1.24 -11.39 11.78
C ARG A 274 -1.88 -11.37 13.17
N GLU A 275 -1.51 -10.39 13.99
CA GLU A 275 -2.06 -10.26 15.33
C GLU A 275 -3.56 -9.93 15.33
N SER A 276 -4.01 -9.03 14.45
CA SER A 276 -5.44 -8.70 14.32
CA SER A 276 -5.45 -8.70 14.31
C SER A 276 -6.26 -9.96 14.00
N LEU A 277 -5.76 -10.74 13.04
CA LEU A 277 -6.44 -11.99 12.66
C LEU A 277 -6.46 -13.01 13.83
N ALA A 278 -5.35 -13.11 14.59
CA ALA A 278 -5.25 -13.95 15.77
C ALA A 278 -6.29 -13.61 16.83
N LEU A 279 -6.52 -12.32 17.05
CA LEU A 279 -7.53 -11.87 18.02
C LEU A 279 -8.97 -12.28 17.65
N ILE A 280 -9.31 -12.19 16.36
CA ILE A 280 -10.61 -12.59 15.84
C ILE A 280 -10.76 -14.11 15.92
N ALA A 281 -9.69 -14.83 15.58
CA ALA A 281 -9.71 -16.30 15.67
C ALA A 281 -9.92 -16.81 17.12
N GLU A 282 -9.31 -16.12 18.08
CA GLU A 282 -9.42 -16.48 19.51
CA GLU A 282 -9.39 -16.43 19.53
C GLU A 282 -10.80 -16.19 20.05
N GLN A 283 -11.35 -15.02 19.73
CA GLN A 283 -12.73 -14.68 20.15
C GLN A 283 -13.74 -15.56 19.43
N GLY A 284 -13.46 -15.81 18.14
CA GLY A 284 -14.36 -16.54 17.26
C GLY A 284 -15.32 -15.56 16.62
N LEU A 285 -15.64 -15.80 15.35
CA LEU A 285 -16.56 -14.89 14.61
C LEU A 285 -17.93 -14.69 15.24
N GLU A 286 -18.55 -15.76 15.75
CA GLU A 286 -19.88 -15.65 16.38
C GLU A 286 -19.85 -14.60 17.51
N ASN A 287 -18.86 -14.70 18.39
CA ASN A 287 -18.70 -13.73 19.51
C ASN A 287 -18.40 -12.30 19.01
N CYS A 288 -17.62 -12.20 17.95
CA CYS A 288 -17.29 -10.88 17.36
CA CYS A 288 -17.29 -10.89 17.39
C CYS A 288 -18.57 -10.24 16.84
N TRP A 289 -19.37 -11.02 16.11
CA TRP A 289 -20.65 -10.51 15.55
C TRP A 289 -21.65 -10.13 16.63
N ARG A 290 -21.72 -10.94 17.69
CA ARG A 290 -22.62 -10.66 18.84
C ARG A 290 -22.21 -9.36 19.54
N ARG A 291 -20.93 -9.19 19.73
CA ARG A 291 -20.35 -8.02 20.37
C ARG A 291 -20.68 -6.70 19.65
N HIS A 292 -20.56 -6.73 18.32
CA HIS A 292 -20.95 -5.58 17.49
C HIS A 292 -22.44 -5.30 17.56
N ARG A 293 -23.26 -6.36 17.48
CA ARG A 293 -24.73 -6.20 17.60
C ARG A 293 -25.09 -5.57 18.98
N GLU A 294 -24.42 -6.05 20.03
CA GLU A 294 -24.68 -5.59 21.38
C GLU A 294 -24.27 -4.11 21.60
N ALA A 295 -23.08 -3.75 21.13
CA ALA A 295 -22.58 -2.37 21.17
C ALA A 295 -23.49 -1.41 20.40
N THR A 296 -23.90 -1.82 19.20
CA THR A 296 -24.80 -1.01 18.38
C THR A 296 -26.17 -0.80 19.02
N ALA A 297 -26.74 -1.86 19.62
CA ALA A 297 -28.06 -1.74 20.30
C ALA A 297 -28.00 -0.73 21.45
N HIS A 298 -26.89 -0.73 22.18
CA HIS A 298 -26.69 0.20 23.27
C HIS A 298 -26.51 1.64 22.75
N LEU A 299 -25.74 1.81 21.68
CA LEU A 299 -25.61 3.12 21.04
C LEU A 299 -26.97 3.62 20.54
N HIS A 300 -27.70 2.75 19.87
CA HIS A 300 -29.03 3.13 19.32
C HIS A 300 -30.02 3.52 20.40
N LYS A 301 -29.95 2.89 21.58
CA LYS A 301 -30.77 3.30 22.73
C LYS A 301 -30.40 4.72 23.21
N HIS A 302 -29.11 5.01 23.36
CA HIS A 302 -28.67 6.35 23.78
C HIS A 302 -29.03 7.43 22.79
N LEU A 303 -28.89 7.14 21.49
CA LEU A 303 -29.25 8.09 20.42
C LEU A 303 -30.74 8.42 20.48
N GLN A 304 -31.58 7.38 20.61
CA GLN A 304 -33.04 7.56 20.74
CA GLN A 304 -33.04 7.55 20.74
C GLN A 304 -33.38 8.38 21.98
N GLU A 305 -32.74 8.08 23.12
CA GLU A 305 -32.99 8.84 24.39
C GLU A 305 -32.65 10.33 24.30
N MET A 306 -31.62 10.66 23.51
CA MET A 306 -31.19 12.04 23.22
C MET A 306 -32.04 12.75 22.14
N GLY A 307 -32.99 12.04 21.53
CA GLY A 307 -33.83 12.61 20.48
C GLY A 307 -33.17 12.75 19.10
N LEU A 308 -32.02 12.08 18.89
CA LEU A 308 -31.32 12.08 17.60
C LEU A 308 -31.99 11.04 16.73
N LYS A 309 -32.06 11.31 15.44
CA LYS A 309 -32.78 10.47 14.49
C LYS A 309 -31.79 9.73 13.61
N PHE A 310 -32.23 8.59 13.09
CA PHE A 310 -31.40 7.75 12.23
C PHE A 310 -31.59 8.16 10.78
N PHE A 311 -30.48 8.26 10.06
CA PHE A 311 -30.53 8.53 8.62
C PHE A 311 -31.19 7.38 7.88
N VAL A 312 -30.93 6.13 8.31
CA VAL A 312 -31.49 4.92 7.71
C VAL A 312 -32.80 4.63 8.43
N LYS A 313 -33.91 4.77 7.70
CA LYS A 313 -35.25 4.63 8.28
C LYS A 313 -35.67 3.20 8.60
N ASP A 314 -35.17 2.23 7.83
CA ASP A 314 -35.47 0.83 8.10
C ASP A 314 -34.42 0.28 9.10
N PRO A 315 -34.84 -0.02 10.37
CA PRO A 315 -33.88 -0.58 11.36
C PRO A 315 -33.14 -1.87 10.92
N GLU A 316 -33.80 -2.69 10.10
CA GLU A 316 -33.22 -3.96 9.63
C GLU A 316 -32.04 -3.81 8.68
N ILE A 317 -31.85 -2.62 8.10
CA ILE A 317 -30.69 -2.38 7.24
C ILE A 317 -29.67 -1.41 7.83
N ARG A 318 -29.75 -1.15 9.13
CA ARG A 318 -28.76 -0.27 9.80
C ARG A 318 -27.48 -1.09 10.02
N LEU A 319 -26.36 -0.61 9.46
CA LEU A 319 -25.04 -1.27 9.56
C LEU A 319 -24.55 -1.23 11.02
N PRO A 320 -24.34 -2.41 11.65
CA PRO A 320 -23.96 -2.32 13.06
C PRO A 320 -22.67 -1.50 13.35
N THR A 321 -21.70 -1.58 12.45
CA THR A 321 -20.39 -1.00 12.64
C THR A 321 -20.32 0.52 12.49
N ILE A 322 -21.08 1.10 11.56
CA ILE A 322 -21.05 2.55 11.31
C ILE A 322 -22.46 3.06 11.21
N THR A 323 -22.84 3.93 12.15
CA THR A 323 -24.20 4.48 12.26
C THR A 323 -24.25 5.89 11.71
N THR A 324 -25.21 6.15 10.82
CA THR A 324 -25.48 7.48 10.28
C THR A 324 -26.62 8.10 11.08
N VAL A 325 -26.28 9.22 11.74
CA VAL A 325 -27.18 9.98 12.57
C VAL A 325 -27.49 11.31 11.86
N THR A 326 -28.78 11.57 11.60
CA THR A 326 -29.21 12.82 10.97
C THR A 326 -28.74 13.99 11.87
N VAL A 327 -28.09 14.99 11.27
CA VAL A 327 -27.61 16.15 12.02
C VAL A 327 -28.82 16.80 12.72
N PRO A 328 -28.71 17.05 14.04
CA PRO A 328 -29.86 17.62 14.77
C PRO A 328 -30.22 19.02 14.23
N ALA A 329 -31.52 19.23 14.00
CA ALA A 329 -32.07 20.49 13.49
C ALA A 329 -31.63 21.66 14.37
N GLY A 330 -31.16 22.73 13.73
CA GLY A 330 -30.73 23.96 14.42
C GLY A 330 -29.25 24.07 14.74
N TYR A 331 -28.52 22.95 14.74
CA TYR A 331 -27.07 22.94 15.04
C TYR A 331 -26.19 22.95 13.79
N ASN A 332 -24.95 23.42 13.99
CA ASN A 332 -23.90 23.33 12.99
C ASN A 332 -23.17 22.02 13.38
N TRP A 333 -23.21 21.01 12.50
CA TRP A 333 -22.59 19.70 12.80
C TRP A 333 -21.09 19.79 13.16
N ARG A 334 -20.37 20.73 12.54
CA ARG A 334 -18.94 20.90 12.80
CA ARG A 334 -18.94 20.94 12.80
C ARG A 334 -18.68 21.33 14.25
N ASP A 335 -19.60 22.09 14.85
CA ASP A 335 -19.51 22.50 16.25
C ASP A 335 -19.69 21.27 17.17
N ILE A 336 -20.60 20.37 16.81
CA ILE A 336 -20.84 19.13 17.59
C ILE A 336 -19.59 18.26 17.54
N VAL A 337 -19.09 18.01 16.34
CA VAL A 337 -17.87 17.21 16.13
C VAL A 337 -16.66 17.85 16.87
N SER A 338 -16.47 19.16 16.76
CA SER A 338 -15.36 19.86 17.45
C SER A 338 -15.48 19.84 18.98
N TYR A 339 -16.70 19.98 19.47
CA TYR A 339 -16.98 19.92 20.92
C TYR A 339 -16.61 18.55 21.52
N VAL A 340 -17.02 17.48 20.84
CA VAL A 340 -16.73 16.11 21.27
C VAL A 340 -15.20 15.87 21.31
N LEU A 341 -14.49 16.36 20.30
CA LEU A 341 -13.03 16.28 20.21
C LEU A 341 -12.32 17.09 21.30
N ASP A 342 -12.70 18.36 21.43
CA ASP A 342 -12.00 19.28 22.36
C ASP A 342 -12.24 18.94 23.82
N HIS A 343 -13.49 18.62 24.16
CA HIS A 343 -13.88 18.35 25.57
C HIS A 343 -13.80 16.89 26.01
N PHE A 344 -13.83 15.95 25.07
CA PHE A 344 -13.78 14.51 25.43
C PHE A 344 -12.69 13.67 24.77
N SER A 345 -11.90 14.24 23.86
CA SER A 345 -10.83 13.52 23.15
C SER A 345 -11.37 12.29 22.38
N ILE A 346 -12.57 12.45 21.82
CA ILE A 346 -13.24 11.44 21.02
C ILE A 346 -13.40 12.00 19.60
N GLU A 347 -13.03 11.18 18.62
CA GLU A 347 -13.20 11.51 17.22
C GLU A 347 -14.46 10.84 16.69
N ILE A 348 -15.38 11.66 16.19
CA ILE A 348 -16.56 11.22 15.40
C ILE A 348 -16.45 12.03 14.09
N SER A 349 -17.24 11.69 13.07
CA SER A 349 -17.16 12.33 11.75
CA SER A 349 -17.15 12.41 11.80
C SER A 349 -18.50 12.86 11.28
N GLY A 350 -18.44 13.63 10.19
CA GLY A 350 -19.59 14.08 9.46
C GLY A 350 -19.88 13.01 8.42
N GLY A 351 -20.43 13.42 7.28
CA GLY A 351 -20.81 12.47 6.23
C GLY A 351 -19.76 12.20 5.19
N LEU A 352 -20.19 11.49 4.15
CA LEU A 352 -19.35 11.15 3.02
C LEU A 352 -20.20 10.99 1.80
N GLY A 353 -19.70 11.46 0.65
CA GLY A 353 -20.43 11.35 -0.62
C GLY A 353 -21.82 11.93 -0.49
N PRO A 354 -22.89 11.13 -0.72
CA PRO A 354 -24.24 11.67 -0.63
C PRO A 354 -24.70 12.15 0.76
N THR A 355 -24.05 11.71 1.85
CA THR A 355 -24.41 12.19 3.20
C THR A 355 -23.56 13.36 3.70
N GLU A 356 -22.67 13.94 2.86
CA GLU A 356 -21.89 15.13 3.26
C GLU A 356 -22.84 16.24 3.69
N GLU A 357 -22.55 16.87 4.84
CA GLU A 357 -23.36 17.93 5.46
C GLU A 357 -24.70 17.46 6.09
N ARG A 358 -25.06 16.19 5.96
CA ARG A 358 -26.34 15.68 6.38
C ARG A 358 -26.36 14.81 7.62
N VAL A 359 -25.24 14.17 7.91
CA VAL A 359 -25.15 13.25 9.04
C VAL A 359 -23.88 13.39 9.89
N LEU A 360 -23.93 12.72 11.02
CA LEU A 360 -22.77 12.38 11.83
C LEU A 360 -22.61 10.87 11.62
N ARG A 361 -21.37 10.40 11.59
CA ARG A 361 -21.07 8.98 11.56
C ARG A 361 -20.30 8.57 12.83
N ILE A 362 -20.79 7.53 13.48
CA ILE A 362 -20.20 6.98 14.69
C ILE A 362 -19.88 5.52 14.40
N GLY A 363 -18.61 5.15 14.56
CA GLY A 363 -18.17 3.79 14.33
C GLY A 363 -17.86 3.05 15.62
N LEU A 364 -18.28 1.78 15.68
CA LEU A 364 -18.01 0.90 16.84
C LEU A 364 -17.33 -0.30 16.21
N LEU A 365 -15.99 -0.24 16.15
CA LEU A 365 -15.22 -1.18 15.37
C LEU A 365 -14.27 -2.05 16.19
N GLY A 366 -14.54 -3.36 16.19
CA GLY A 366 -13.76 -4.43 16.88
C GLY A 366 -13.46 -4.10 18.33
N TYR A 367 -12.19 -3.86 18.60
CA TYR A 367 -11.71 -3.48 19.93
C TYR A 367 -12.50 -2.31 20.57
N ASN A 368 -12.97 -1.35 19.75
CA ASN A 368 -13.74 -0.21 20.20
C ASN A 368 -15.24 -0.46 20.37
N ALA A 369 -15.73 -1.64 20.03
CA ALA A 369 -17.17 -1.94 20.08
C ALA A 369 -17.51 -2.45 21.46
N THR A 370 -17.55 -1.54 22.41
CA THR A 370 -17.84 -1.83 23.81
C THR A 370 -18.93 -0.91 24.31
N THR A 371 -19.73 -1.39 25.25
CA THR A 371 -20.77 -0.55 25.87
C THR A 371 -20.13 0.65 26.63
N GLU A 372 -18.91 0.48 27.14
CA GLU A 372 -18.14 1.54 27.82
C GLU A 372 -17.80 2.72 26.89
N ASN A 373 -17.35 2.42 25.66
CA ASN A 373 -17.04 3.47 24.67
C ASN A 373 -18.32 4.14 24.22
N VAL A 374 -19.41 3.37 24.12
CA VAL A 374 -20.72 3.92 23.78
C VAL A 374 -21.17 4.93 24.83
N ASP A 375 -21.04 4.59 26.11
CA ASP A 375 -21.37 5.54 27.19
C ASP A 375 -20.51 6.80 27.08
N ARG A 376 -19.22 6.66 26.77
CA ARG A 376 -18.34 7.84 26.62
C ARG A 376 -18.79 8.78 25.49
N VAL A 377 -19.10 8.24 24.30
CA VAL A 377 -19.57 9.09 23.20
C VAL A 377 -20.98 9.62 23.46
N ALA A 378 -21.86 8.83 24.11
CA ALA A 378 -23.21 9.32 24.46
C ALA A 378 -23.14 10.53 25.40
N GLU A 379 -22.24 10.46 26.39
CA GLU A 379 -22.01 11.58 27.33
C GLU A 379 -21.51 12.81 26.57
N ALA A 380 -20.54 12.60 25.67
CA ALA A 380 -19.94 13.68 24.88
C ALA A 380 -20.99 14.38 24.00
N LEU A 381 -21.86 13.59 23.36
CA LEU A 381 -22.94 14.12 22.52
C LEU A 381 -23.99 14.87 23.32
N ARG A 382 -24.36 14.31 24.48
CA ARG A 382 -25.33 15.00 25.36
C ARG A 382 -24.82 16.39 25.76
N GLU A 383 -23.56 16.48 26.16
CA GLU A 383 -22.96 17.77 26.55
C GLU A 383 -22.89 18.74 25.36
N ALA A 384 -22.50 18.22 24.19
CA ALA A 384 -22.44 19.00 22.95
C ALA A 384 -23.80 19.62 22.60
N LEU A 385 -24.87 18.84 22.72
CA LEU A 385 -26.22 19.31 22.42
C LEU A 385 -26.69 20.43 23.36
N GLN A 386 -26.33 20.35 24.64
CA GLN A 386 -26.69 21.41 25.61
C GLN A 386 -25.82 22.68 25.49
N HIS A 387 -24.57 22.57 25.01
CA HIS A 387 -23.65 23.73 24.91
C HIS A 387 -23.39 24.35 23.56
N CYS A 388 -23.52 23.60 22.47
CA CYS A 388 -23.26 24.13 21.12
C CYS A 388 -24.38 25.12 20.73
N PRO A 389 -24.05 26.18 19.94
CA PRO A 389 -25.09 27.17 19.60
C PRO A 389 -26.18 26.60 18.68
N LYS A 390 -27.44 26.80 19.08
CA LYS A 390 -28.61 26.32 18.33
C LYS A 390 -29.36 27.55 17.78
N ASN A 391 -30.22 27.32 16.79
CA ASN A 391 -31.06 28.37 16.19
C ASN A 391 -32.48 28.29 16.72
N MET B 2 -25.27 -16.34 14.88
CA MET B 2 -25.69 -14.92 14.61
C MET B 2 -26.25 -14.65 13.18
N GLY B 3 -25.91 -15.50 12.19
CA GLY B 3 -26.37 -15.36 10.78
C GLY B 3 -27.13 -16.57 10.24
N SER B 4 -27.26 -16.64 8.91
CA SER B 4 -28.06 -17.69 8.22
C SER B 4 -27.35 -19.01 7.84
N TYR B 5 -26.07 -19.14 8.18
CA TYR B 5 -25.29 -20.38 7.93
C TYR B 5 -24.44 -20.74 9.12
N GLN B 6 -23.95 -21.99 9.13
CA GLN B 6 -23.02 -22.47 10.15
C GLN B 6 -21.59 -22.19 9.67
N LEU B 7 -20.69 -21.86 10.59
CA LEU B 7 -19.27 -21.64 10.30
C LEU B 7 -18.62 -22.99 10.01
N LEU B 8 -18.07 -23.17 8.81
CA LEU B 8 -17.42 -24.43 8.41
C LEU B 8 -15.89 -24.32 8.27
N VAL B 9 -15.32 -23.11 8.31
CA VAL B 9 -13.88 -22.93 8.31
C VAL B 9 -13.49 -22.65 9.77
N PRO B 10 -12.65 -23.51 10.39
CA PRO B 10 -12.34 -23.35 11.81
C PRO B 10 -11.23 -22.34 12.06
N PRO B 11 -11.12 -21.80 13.29
CA PRO B 11 -10.04 -20.84 13.57
C PRO B 11 -8.65 -21.50 13.40
N PRO B 12 -7.67 -20.84 12.74
CA PRO B 12 -6.35 -21.46 12.60
C PRO B 12 -5.59 -21.50 13.92
N GLU B 13 -5.24 -22.71 14.36
CA GLU B 13 -4.50 -22.88 15.60
C GLU B 13 -3.13 -22.23 15.60
N ALA B 14 -2.47 -22.17 14.45
CA ALA B 14 -1.16 -21.55 14.36
C ALA B 14 -1.14 -20.07 14.83
N LEU B 15 -2.28 -19.36 14.66
CA LEU B 15 -2.40 -17.97 15.12
C LEU B 15 -2.35 -17.76 16.64
N SER B 16 -2.63 -18.79 17.43
CA SER B 16 -2.59 -18.68 18.92
C SER B 16 -1.17 -18.58 19.51
N LYS B 17 -0.15 -18.99 18.74
CA LYS B 17 1.24 -18.96 19.19
C LYS B 17 1.69 -17.50 19.17
N PRO B 18 2.52 -17.08 20.17
CA PRO B 18 3.00 -15.71 20.13
C PRO B 18 3.84 -15.38 18.89
N LEU B 19 3.68 -14.15 18.39
CA LEU B 19 4.42 -13.71 17.22
C LEU B 19 5.78 -13.26 17.71
N SER B 20 6.82 -13.98 17.29
CA SER B 20 8.20 -13.53 17.52
C SER B 20 8.95 -13.66 16.19
N VAL B 21 10.02 -12.87 16.07
CA VAL B 21 10.90 -12.88 14.90
C VAL B 21 12.34 -12.90 15.40
N PRO B 22 13.24 -13.62 14.70
CA PRO B 22 14.63 -13.66 15.15
C PRO B 22 15.37 -12.34 14.95
N THR B 23 16.50 -12.21 15.63
CA THR B 23 17.34 -11.03 15.52
C THR B 23 18.39 -11.36 14.47
N ARG B 24 18.34 -10.60 13.37
CA ARG B 24 19.25 -10.78 12.24
CA ARG B 24 19.28 -10.76 12.25
C ARG B 24 19.72 -9.41 11.71
N LEU B 25 20.91 -9.39 11.11
CA LEU B 25 21.49 -8.21 10.50
C LEU B 25 21.13 -8.33 9.02
N LEU B 26 20.33 -7.39 8.52
CA LEU B 26 19.82 -7.39 7.15
C LEU B 26 20.76 -6.61 6.23
N LEU B 27 21.64 -7.32 5.53
CA LEU B 27 22.59 -6.74 4.58
C LEU B 27 22.31 -7.21 3.14
N GLY B 28 21.03 -7.42 2.83
CA GLY B 28 20.60 -7.78 1.49
C GLY B 28 20.18 -6.48 0.77
N PRO B 29 19.41 -6.60 -0.34
CA PRO B 29 18.99 -5.42 -1.10
C PRO B 29 17.81 -4.66 -0.49
N GLY B 30 17.31 -5.08 0.66
CA GLY B 30 16.20 -4.45 1.32
C GLY B 30 15.20 -5.51 1.78
N PRO B 31 14.48 -5.26 2.87
CA PRO B 31 14.59 -4.08 3.67
C PRO B 31 15.82 -4.13 4.60
N SER B 32 16.21 -2.96 5.07
CA SER B 32 17.28 -2.80 6.02
C SER B 32 16.69 -2.81 7.44
N ASN B 33 17.55 -2.99 8.43
CA ASN B 33 17.18 -2.88 9.85
C ASN B 33 16.87 -1.41 10.13
N LEU B 34 16.02 -1.18 11.14
CA LEU B 34 15.51 0.16 11.46
C LEU B 34 16.26 0.89 12.58
N ALA B 35 16.34 2.21 12.48
CA ALA B 35 16.91 3.06 13.54
C ALA B 35 15.93 3.03 14.72
N PRO B 36 16.42 3.12 15.99
CA PRO B 36 15.52 3.07 17.15
C PRO B 36 14.29 4.03 17.14
N ARG B 37 14.45 5.25 16.62
CA ARG B 37 13.31 6.19 16.48
C ARG B 37 12.21 5.71 15.54
N VAL B 38 12.62 5.05 14.45
CA VAL B 38 11.69 4.51 13.46
C VAL B 38 11.02 3.28 14.03
N LEU B 39 11.78 2.39 14.69
CA LEU B 39 11.17 1.24 15.41
C LEU B 39 10.10 1.73 16.39
N ALA B 40 10.45 2.72 17.21
CA ALA B 40 9.54 3.28 18.23
C ALA B 40 8.28 3.92 17.64
N ALA B 41 8.44 4.59 16.49
CA ALA B 41 7.33 5.22 15.75
C ALA B 41 6.29 4.19 15.26
N GLY B 42 6.73 2.94 15.03
CA GLY B 42 5.83 1.84 14.65
C GLY B 42 4.74 1.45 15.65
N SER B 43 4.94 1.76 16.95
CA SER B 43 3.96 1.46 18.00
CA SER B 43 3.98 1.47 18.02
C SER B 43 3.14 2.70 18.43
N LEU B 44 3.27 3.83 17.70
CA LEU B 44 2.49 5.04 18.03
C LEU B 44 1.00 4.84 17.76
N ARG B 45 0.18 5.58 18.50
CA ARG B 45 -1.27 5.47 18.40
C ARG B 45 -1.81 6.06 17.11
N MET B 46 -3.02 5.62 16.75
CA MET B 46 -3.73 6.12 15.60
C MET B 46 -4.44 7.43 15.93
N ILE B 47 -4.57 8.24 14.88
CA ILE B 47 -5.41 9.45 14.89
C ILE B 47 -6.10 9.52 13.52
N GLY B 48 -7.17 10.31 13.45
CA GLY B 48 -7.98 10.46 12.25
C GLY B 48 -7.23 11.10 11.10
N HIS B 49 -7.62 10.72 9.88
CA HIS B 49 -6.94 11.14 8.64
C HIS B 49 -7.01 12.63 8.34
N MET B 50 -8.16 13.26 8.64
CA MET B 50 -8.39 14.69 8.43
C MET B 50 -7.95 15.61 9.58
N GLN B 51 -7.52 15.03 10.72
CA GLN B 51 -7.22 15.82 11.93
C GLN B 51 -5.98 16.73 11.78
N LYS B 52 -5.97 17.85 12.52
CA LYS B 52 -4.87 18.88 12.47
C LYS B 52 -3.45 18.30 12.60
N GLU B 53 -3.28 17.34 13.50
CA GLU B 53 -1.98 16.70 13.75
C GLU B 53 -1.53 15.87 12.56
N MET B 54 -2.47 15.17 11.90
CA MET B 54 -2.13 14.40 10.69
C MET B 54 -1.81 15.31 9.53
N LEU B 55 -2.62 16.36 9.32
CA LEU B 55 -2.34 17.36 8.25
C LEU B 55 -0.94 18.00 8.42
N GLN B 56 -0.53 18.26 9.67
CA GLN B 56 0.82 18.80 9.98
C GLN B 56 1.91 17.79 9.64
N ILE B 57 1.69 16.52 10.00
CA ILE B 57 2.62 15.41 9.66
C ILE B 57 2.76 15.30 8.13
N MET B 58 1.63 15.38 7.42
CA MET B 58 1.65 15.36 5.94
C MET B 58 2.48 16.54 5.39
N GLU B 59 2.33 17.72 5.99
CA GLU B 59 3.09 18.91 5.57
C GLU B 59 4.59 18.72 5.80
N GLU B 60 4.98 18.18 6.96
CA GLU B 60 6.38 17.92 7.31
C GLU B 60 7.02 16.83 6.43
N ILE B 61 6.20 15.84 6.06
CA ILE B 61 6.61 14.78 5.13
C ILE B 61 6.90 15.38 3.74
N LYS B 62 6.00 16.21 3.20
CA LYS B 62 6.19 16.90 1.91
C LYS B 62 7.52 17.67 1.96
N GLN B 63 7.70 18.47 3.02
CA GLN B 63 8.96 19.23 3.21
C GLN B 63 10.18 18.32 3.26
N GLY B 64 10.07 17.21 3.99
CA GLY B 64 11.13 16.23 4.11
C GLY B 64 11.50 15.58 2.78
N ILE B 65 10.48 15.28 1.96
CA ILE B 65 10.70 14.68 0.61
C ILE B 65 11.36 15.71 -0.33
N GLN B 66 10.88 16.95 -0.28
CA GLN B 66 11.46 18.09 -1.02
C GLN B 66 12.95 18.22 -0.70
N TYR B 67 13.29 18.06 0.57
CA TYR B 67 14.70 18.06 1.01
C TYR B 67 15.54 16.88 0.49
N VAL B 68 15.08 15.64 0.67
CA VAL B 68 15.88 14.48 0.20
C VAL B 68 15.96 14.41 -1.33
N PHE B 69 14.88 14.78 -2.04
CA PHE B 69 14.90 14.86 -3.51
C PHE B 69 15.68 16.07 -4.03
N GLN B 70 15.77 17.12 -3.20
CA GLN B 70 16.32 18.44 -3.55
C GLN B 70 15.48 19.05 -4.68
N THR B 71 14.18 19.21 -4.39
CA THR B 71 13.23 19.81 -5.32
C THR B 71 12.31 20.80 -4.61
N ARG B 72 11.90 21.83 -5.34
CA ARG B 72 10.93 22.81 -4.84
C ARG B 72 9.56 22.54 -5.46
N ASN B 73 9.40 21.39 -6.14
CA ASN B 73 8.13 21.04 -6.78
C ASN B 73 7.01 20.97 -5.75
N PRO B 74 5.95 21.80 -5.91
CA PRO B 74 4.80 21.67 -5.02
C PRO B 74 4.11 20.30 -5.10
N LEU B 75 4.11 19.67 -6.30
CA LEU B 75 3.50 18.36 -6.50
CA LEU B 75 3.48 18.36 -6.48
C LEU B 75 4.50 17.26 -6.10
N THR B 76 4.65 17.09 -4.78
CA THR B 76 5.55 16.15 -4.12
C THR B 76 4.74 15.53 -3.00
N LEU B 77 4.62 14.20 -3.02
CA LEU B 77 3.71 13.47 -2.12
C LEU B 77 4.05 11.99 -1.97
N VAL B 78 3.25 11.30 -1.17
CA VAL B 78 3.39 9.88 -0.92
C VAL B 78 2.24 9.12 -1.57
N VAL B 79 2.57 7.97 -2.17
CA VAL B 79 1.56 7.05 -2.74
CA VAL B 79 1.57 7.05 -2.75
C VAL B 79 1.82 5.69 -2.11
N SER B 80 0.77 4.86 -2.01
CA SER B 80 0.92 3.52 -1.47
C SER B 80 1.73 2.65 -2.41
N GLY B 81 2.29 1.59 -1.84
CA GLY B 81 3.05 0.62 -2.58
C GLY B 81 4.53 0.64 -2.24
N SER B 82 5.10 -0.55 -2.23
CA SER B 82 6.49 -0.78 -1.87
C SER B 82 7.32 -1.10 -3.09
N GLY B 83 8.63 -1.25 -2.86
CA GLY B 83 9.59 -1.61 -3.94
C GLY B 83 9.56 -0.51 -5.00
N HIS B 84 9.42 -0.93 -6.26
CA HIS B 84 9.41 0.01 -7.38
C HIS B 84 8.01 0.18 -7.96
N CYS B 85 6.94 -0.15 -7.20
CA CYS B 85 5.52 -0.05 -7.64
CA CYS B 85 5.59 -0.08 -7.78
C CYS B 85 5.10 1.34 -8.12
N ALA B 86 5.69 2.39 -7.51
CA ALA B 86 5.37 3.78 -7.89
C ALA B 86 5.68 4.08 -9.37
N MET B 87 6.41 3.20 -10.06
CA MET B 87 6.59 3.35 -11.52
C MET B 87 5.23 3.28 -12.19
N GLU B 88 4.28 2.50 -11.62
CA GLU B 88 2.91 2.45 -12.15
C GLU B 88 2.20 3.76 -12.03
N THR B 89 2.25 4.38 -10.84
CA THR B 89 1.69 5.72 -10.65
C THR B 89 2.28 6.71 -11.67
N ALA B 90 3.60 6.70 -11.84
CA ALA B 90 4.27 7.61 -12.81
C ALA B 90 3.78 7.34 -14.24
N LEU B 91 3.84 6.08 -14.67
CA LEU B 91 3.48 5.71 -16.05
C LEU B 91 1.99 5.84 -16.36
N PHE B 92 1.11 5.45 -15.42
CA PHE B 92 -0.36 5.59 -15.64
C PHE B 92 -0.76 7.04 -15.87
N ASN B 93 -0.08 7.96 -15.17
CA ASN B 93 -0.37 9.39 -15.31
C ASN B 93 0.31 10.02 -16.54
N LEU B 94 1.56 9.67 -16.76
CA LEU B 94 2.39 10.29 -17.82
C LEU B 94 2.14 9.80 -19.24
N LEU B 95 1.76 8.52 -19.42
CA LEU B 95 1.58 7.93 -20.75
C LEU B 95 0.13 7.66 -21.14
N GLU B 96 -0.24 8.15 -22.32
CA GLU B 96 -1.52 7.83 -22.91
C GLU B 96 -1.29 6.75 -23.94
N PRO B 97 -2.35 5.99 -24.30
CA PRO B 97 -2.25 5.00 -25.38
C PRO B 97 -1.67 5.65 -26.65
N GLY B 98 -0.66 5.03 -27.24
CA GLY B 98 0.00 5.56 -28.44
C GLY B 98 1.24 6.42 -28.19
N ASP B 99 1.48 6.88 -26.96
CA ASP B 99 2.67 7.69 -26.66
C ASP B 99 3.97 6.88 -26.83
N SER B 100 4.95 7.48 -27.50
CA SER B 100 6.29 6.88 -27.63
C SER B 100 7.00 7.00 -26.28
N PHE B 101 7.55 5.89 -25.78
CA PHE B 101 8.20 5.82 -24.48
C PHE B 101 9.55 5.12 -24.64
N LEU B 102 10.58 5.66 -23.99
CA LEU B 102 11.95 5.15 -24.10
C LEU B 102 12.43 4.71 -22.74
N THR B 103 13.00 3.51 -22.66
CA THR B 103 13.48 2.98 -21.39
C THR B 103 14.92 2.61 -21.47
N GLY B 104 15.64 2.85 -20.37
CA GLY B 104 17.03 2.44 -20.21
C GLY B 104 16.98 1.03 -19.65
N THR B 105 16.85 0.05 -20.55
CA THR B 105 16.74 -1.38 -20.15
C THR B 105 18.11 -2.01 -19.96
N ASN B 106 18.67 -1.83 -18.76
CA ASN B 106 20.00 -2.37 -18.37
C ASN B 106 19.93 -3.29 -17.11
N GLY B 107 18.72 -3.77 -16.81
CA GLY B 107 18.45 -4.60 -15.65
C GLY B 107 16.98 -4.85 -15.56
N ILE B 108 16.53 -5.38 -14.42
CA ILE B 108 15.13 -5.72 -14.25
C ILE B 108 14.19 -4.49 -14.24
N TRP B 109 14.65 -3.33 -13.75
CA TRP B 109 13.71 -2.19 -13.56
C TRP B 109 13.27 -1.56 -14.87
N GLY B 110 14.19 -1.43 -15.82
CA GLY B 110 13.85 -0.98 -17.17
C GLY B 110 12.94 -1.96 -17.88
N MET B 111 13.16 -3.27 -17.69
CA MET B 111 12.28 -4.34 -18.23
C MET B 111 10.86 -4.20 -17.66
N ARG B 112 10.79 -3.90 -16.35
CA ARG B 112 9.53 -3.73 -15.66
C ARG B 112 8.73 -2.51 -16.18
N ALA B 113 9.41 -1.37 -16.34
CA ALA B 113 8.80 -0.15 -16.92
C ALA B 113 8.27 -0.42 -18.33
N ALA B 114 9.07 -1.13 -19.15
CA ALA B 114 8.68 -1.53 -20.50
C ALA B 114 7.40 -2.37 -20.52
N GLU B 115 7.29 -3.31 -19.58
CA GLU B 115 6.10 -4.18 -19.45
C GLU B 115 4.84 -3.38 -19.07
N ILE B 116 4.97 -2.53 -18.07
CA ILE B 116 3.85 -1.69 -17.59
C ILE B 116 3.40 -0.75 -18.71
N ALA B 117 4.36 -0.12 -19.39
CA ALA B 117 4.06 0.77 -20.54
C ALA B 117 3.35 0.02 -21.70
N ASP B 118 3.73 -1.24 -21.94
CA ASP B 118 3.07 -2.08 -22.95
C ASP B 118 1.63 -2.36 -22.53
N ARG B 119 1.43 -2.66 -21.24
CA ARG B 119 0.07 -2.92 -20.70
C ARG B 119 -0.92 -1.77 -20.86
N ILE B 120 -0.41 -0.53 -20.83
CA ILE B 120 -1.23 0.67 -20.99
C ILE B 120 -1.32 1.21 -22.43
N GLY B 121 -0.77 0.50 -23.41
CA GLY B 121 -0.89 0.89 -24.81
C GLY B 121 0.13 1.88 -25.34
N ALA B 122 1.23 2.08 -24.63
CA ALA B 122 2.33 2.94 -25.10
C ALA B 122 3.10 2.25 -26.23
N ARG B 123 3.74 3.06 -27.09
CA ARG B 123 4.67 2.55 -28.12
C ARG B 123 6.01 2.47 -27.42
N VAL B 124 6.40 1.27 -27.01
CA VAL B 124 7.58 1.07 -26.17
C VAL B 124 8.85 0.81 -26.98
N HIS B 125 9.91 1.56 -26.67
CA HIS B 125 11.22 1.45 -27.28
C HIS B 125 12.23 1.29 -26.18
N GLN B 126 13.09 0.28 -26.28
CA GLN B 126 14.07 -0.01 -25.23
C GLN B 126 15.50 0.12 -25.76
N MET B 127 16.37 0.73 -24.95
CA MET B 127 17.79 0.77 -25.21
C MET B 127 18.32 -0.36 -24.37
N ILE B 128 18.61 -1.49 -25.02
CA ILE B 128 19.05 -2.68 -24.32
C ILE B 128 20.56 -2.68 -24.19
N LYS B 129 21.01 -2.77 -22.94
CA LYS B 129 22.42 -2.92 -22.61
C LYS B 129 22.57 -4.14 -21.72
N LYS B 130 23.79 -4.68 -21.67
CA LYS B 130 24.07 -5.85 -20.84
C LYS B 130 23.97 -5.49 -19.35
N PRO B 131 23.52 -6.44 -18.49
CA PRO B 131 23.52 -6.17 -17.05
C PRO B 131 24.93 -5.83 -16.59
N GLY B 132 25.05 -4.79 -15.76
CA GLY B 132 26.33 -4.29 -15.28
C GLY B 132 26.84 -3.05 -16.02
N GLU B 133 26.11 -2.58 -17.03
CA GLU B 133 26.50 -1.38 -17.78
C GLU B 133 25.51 -0.24 -17.51
N HIS B 134 25.97 0.97 -17.81
CA HIS B 134 25.21 2.22 -17.66
C HIS B 134 25.07 2.90 -19.04
N TYR B 135 24.20 3.91 -19.11
CA TYR B 135 23.95 4.68 -20.35
C TYR B 135 24.81 5.93 -20.44
N THR B 136 25.42 6.17 -21.60
CA THR B 136 26.17 7.39 -21.90
C THR B 136 25.19 8.43 -22.45
N LEU B 137 25.55 9.71 -22.40
CA LEU B 137 24.74 10.77 -23.00
C LEU B 137 24.55 10.55 -24.51
N GLN B 138 25.59 10.01 -25.16
CA GLN B 138 25.56 9.76 -26.59
CA GLN B 138 25.58 9.72 -26.61
C GLN B 138 24.51 8.68 -26.94
N GLU B 139 24.49 7.60 -26.16
CA GLU B 139 23.53 6.50 -26.34
C GLU B 139 22.09 6.95 -26.20
N VAL B 140 21.83 7.73 -25.15
CA VAL B 140 20.51 8.29 -24.90
C VAL B 140 20.08 9.23 -26.01
N GLU B 141 21.00 10.08 -26.49
CA GLU B 141 20.68 11.01 -27.58
C GLU B 141 20.27 10.25 -28.86
N GLU B 142 21.00 9.18 -29.18
CA GLU B 142 20.66 8.35 -30.35
C GLU B 142 19.25 7.72 -30.18
N GLY B 143 18.90 7.27 -28.97
CA GLY B 143 17.54 6.77 -28.67
C GLY B 143 16.45 7.82 -28.78
N LEU B 144 16.72 9.00 -28.22
CA LEU B 144 15.77 10.14 -28.31
C LEU B 144 15.52 10.55 -29.77
N ALA B 145 16.61 10.74 -30.50
CA ALA B 145 16.57 11.11 -31.93
C ALA B 145 15.80 10.10 -32.77
N GLN B 146 16.08 8.82 -32.57
CA GLN B 146 15.43 7.76 -33.33
C GLN B 146 13.94 7.61 -33.02
N HIS B 147 13.59 7.53 -31.72
CA HIS B 147 12.21 7.22 -31.29
C HIS B 147 11.28 8.39 -30.93
N LYS B 148 11.83 9.59 -30.76
CA LYS B 148 11.05 10.79 -30.41
C LYS B 148 10.05 10.52 -29.25
N PRO B 149 10.56 9.99 -28.12
CA PRO B 149 9.68 9.69 -26.98
C PRO B 149 9.19 10.95 -26.27
N VAL B 150 8.01 10.85 -25.67
CA VAL B 150 7.47 11.91 -24.79
C VAL B 150 8.08 11.79 -23.39
N LEU B 151 8.59 10.59 -23.07
CA LEU B 151 9.13 10.27 -21.76
C LEU B 151 10.30 9.26 -21.87
N LEU B 152 11.38 9.52 -21.14
CA LEU B 152 12.51 8.59 -20.97
C LEU B 152 12.48 8.12 -19.49
N PHE B 153 12.60 6.81 -19.29
CA PHE B 153 12.71 6.16 -17.97
C PHE B 153 14.17 5.76 -17.78
N LEU B 154 14.81 6.28 -16.74
CA LEU B 154 16.19 5.99 -16.43
C LEU B 154 16.30 5.55 -14.96
N VAL B 155 17.01 4.45 -14.72
CA VAL B 155 17.17 3.90 -13.37
C VAL B 155 18.46 4.45 -12.81
N HIS B 156 18.38 5.14 -11.68
CA HIS B 156 19.55 5.71 -11.03
C HIS B 156 20.28 4.60 -10.27
N GLY B 157 19.58 3.91 -9.39
CA GLY B 157 20.11 2.81 -8.58
C GLY B 157 19.58 1.49 -9.11
N GLU B 158 20.36 0.83 -9.98
CA GLU B 158 19.96 -0.45 -10.57
C GLU B 158 20.35 -1.53 -9.55
N SER B 159 19.42 -1.81 -8.66
CA SER B 159 19.62 -2.79 -7.58
C SER B 159 19.72 -4.25 -8.05
N SER B 160 19.22 -4.58 -9.24
CA SER B 160 19.36 -5.93 -9.80
C SER B 160 20.78 -6.19 -10.32
N THR B 161 21.50 -5.15 -10.76
CA THR B 161 22.86 -5.29 -11.31
C THR B 161 24.01 -4.62 -10.54
N GLY B 162 23.68 -3.82 -9.51
CA GLY B 162 24.70 -3.10 -8.70
C GLY B 162 25.31 -1.90 -9.40
N VAL B 163 24.54 -1.29 -10.30
CA VAL B 163 24.97 -0.16 -11.12
C VAL B 163 24.33 1.16 -10.65
N VAL B 164 25.15 2.21 -10.57
CA VAL B 164 24.72 3.60 -10.33
C VAL B 164 24.89 4.35 -11.68
N GLN B 165 23.81 4.95 -12.16
CA GLN B 165 23.75 5.68 -13.43
C GLN B 165 24.15 7.14 -13.23
N PRO B 166 25.17 7.65 -13.97
CA PRO B 166 25.45 9.10 -13.93
C PRO B 166 24.20 9.89 -14.40
N LEU B 167 23.87 10.99 -13.72
CA LEU B 167 22.68 11.79 -14.04
C LEU B 167 22.95 13.16 -14.67
N ASP B 168 24.18 13.69 -14.53
CA ASP B 168 24.50 15.01 -15.07
C ASP B 168 24.31 15.03 -16.59
N GLY B 169 23.55 16.03 -17.06
CA GLY B 169 23.31 16.21 -18.48
C GLY B 169 22.13 15.51 -19.11
N PHE B 170 21.56 14.48 -18.47
CA PHE B 170 20.48 13.71 -19.11
C PHE B 170 19.19 14.47 -19.22
N GLY B 171 18.81 15.20 -18.17
CA GLY B 171 17.60 16.01 -18.18
C GLY B 171 17.65 17.06 -19.28
N GLU B 172 18.73 17.84 -19.29
CA GLU B 172 18.98 18.89 -20.29
C GLU B 172 18.91 18.33 -21.73
N LEU B 173 19.57 17.19 -21.93
CA LEU B 173 19.51 16.45 -23.22
C LEU B 173 18.08 16.10 -23.59
N CYS B 174 17.33 15.47 -22.66
CA CYS B 174 15.91 15.12 -22.91
C CYS B 174 15.05 16.34 -23.34
N HIS B 175 15.26 17.46 -22.66
CA HIS B 175 14.49 18.67 -22.95
C HIS B 175 14.75 19.22 -24.35
N ARG B 176 15.98 19.06 -24.87
CA ARG B 176 16.29 19.47 -26.25
CA ARG B 176 16.33 19.45 -26.26
C ARG B 176 15.49 18.66 -27.28
N TYR B 177 15.01 17.46 -26.89
CA TYR B 177 14.17 16.58 -27.72
C TYR B 177 12.69 16.59 -27.27
N GLN B 178 12.29 17.60 -26.48
CA GLN B 178 10.91 17.77 -25.96
C GLN B 178 10.42 16.51 -25.22
N CYS B 179 11.34 15.88 -24.49
CA CYS B 179 11.09 14.63 -23.75
C CYS B 179 11.24 14.89 -22.27
N LEU B 180 10.36 14.27 -21.48
CA LEU B 180 10.41 14.37 -20.01
C LEU B 180 11.34 13.28 -19.50
N LEU B 181 12.03 13.55 -18.39
CA LEU B 181 12.88 12.57 -17.73
C LEU B 181 12.28 12.10 -16.41
N LEU B 182 12.03 10.79 -16.35
CA LEU B 182 11.52 10.07 -15.17
C LEU B 182 12.70 9.26 -14.63
N VAL B 183 13.03 9.46 -13.35
CA VAL B 183 14.14 8.74 -12.69
C VAL B 183 13.62 7.87 -11.53
N ASP B 184 14.10 6.62 -11.47
CA ASP B 184 13.83 5.69 -10.38
C ASP B 184 15.05 5.81 -9.42
N SER B 185 14.84 6.29 -8.21
CA SER B 185 15.91 6.37 -7.18
C SER B 185 15.55 5.57 -5.92
N VAL B 186 14.77 4.51 -6.10
CA VAL B 186 14.35 3.60 -5.01
C VAL B 186 15.56 3.10 -4.20
N ALA B 187 16.60 2.61 -4.89
CA ALA B 187 17.79 2.04 -4.23
C ALA B 187 18.98 2.99 -3.97
N SER B 188 18.86 4.24 -4.43
CA SER B 188 19.93 5.22 -4.36
C SER B 188 19.63 6.43 -3.47
N LEU B 189 18.36 6.82 -3.35
CA LEU B 189 17.97 8.02 -2.59
C LEU B 189 18.48 7.92 -1.15
N GLY B 190 19.19 8.96 -0.71
CA GLY B 190 19.78 9.04 0.63
C GLY B 190 21.20 8.50 0.73
N GLY B 191 21.63 7.68 -0.22
CA GLY B 191 22.95 7.10 -0.27
C GLY B 191 23.85 7.54 -1.40
N VAL B 192 23.25 8.09 -2.46
CA VAL B 192 23.98 8.58 -3.61
C VAL B 192 23.50 10.02 -3.90
N PRO B 193 24.43 10.94 -4.25
CA PRO B 193 24.01 12.30 -4.61
C PRO B 193 22.95 12.37 -5.75
N ILE B 194 21.86 13.10 -5.51
CA ILE B 194 20.80 13.39 -6.49
C ILE B 194 20.34 14.82 -6.21
N TYR B 195 20.14 15.60 -7.28
CA TYR B 195 19.70 16.99 -7.20
C TYR B 195 18.59 17.09 -8.24
N MET B 196 17.36 16.77 -7.85
CA MET B 196 16.28 16.65 -8.84
C MET B 196 16.11 17.85 -9.78
N ASP B 197 15.91 19.04 -9.21
CA ASP B 197 15.71 20.24 -10.02
C ASP B 197 16.95 20.63 -10.82
N GLN B 198 18.10 20.67 -10.14
CA GLN B 198 19.38 21.06 -10.76
C GLN B 198 19.87 20.11 -11.88
N GLN B 199 19.50 18.84 -11.82
CA GLN B 199 19.84 17.86 -12.84
C GLN B 199 18.75 17.73 -13.92
N GLY B 200 17.73 18.59 -13.89
CA GLY B 200 16.64 18.56 -14.89
C GLY B 200 15.77 17.32 -14.93
N ILE B 201 15.58 16.68 -13.77
CA ILE B 201 14.77 15.48 -13.63
C ILE B 201 13.34 16.01 -13.44
N ASP B 202 12.43 15.60 -14.32
CA ASP B 202 11.05 16.09 -14.31
C ASP B 202 10.13 15.32 -13.38
N ILE B 203 10.32 14.00 -13.31
CA ILE B 203 9.55 13.14 -12.43
C ILE B 203 10.55 12.21 -11.73
N MET B 204 10.37 11.98 -10.45
CA MET B 204 11.22 11.01 -9.73
C MET B 204 10.42 10.31 -8.66
N TYR B 205 10.68 9.02 -8.45
CA TYR B 205 10.09 8.29 -7.33
C TYR B 205 11.16 7.47 -6.62
N SER B 206 10.90 7.20 -5.35
CA SER B 206 11.73 6.35 -4.53
C SER B 206 10.74 5.66 -3.53
N SER B 207 11.26 4.83 -2.63
CA SER B 207 10.42 4.21 -1.61
C SER B 207 11.15 4.24 -0.28
N SER B 208 10.43 3.91 0.78
CA SER B 208 10.93 4.14 2.14
C SER B 208 11.70 3.01 2.79
N GLN B 209 11.78 1.83 2.15
CA GLN B 209 12.40 0.65 2.76
C GLN B 209 13.81 0.29 2.31
N LYS B 210 14.50 1.19 1.60
CA LYS B 210 15.89 0.97 1.20
C LYS B 210 16.73 1.86 2.14
N VAL B 211 17.44 2.90 1.66
CA VAL B 211 18.27 3.73 2.56
C VAL B 211 17.46 4.41 3.71
N LEU B 212 16.22 4.80 3.44
CA LEU B 212 15.39 5.51 4.43
C LEU B 212 15.02 4.71 5.69
N ASN B 213 15.13 3.38 5.66
CA ASN B 213 14.89 2.53 6.84
C ASN B 213 13.53 2.79 7.53
N ALA B 214 12.44 2.91 6.72
N ALA B 214 12.49 2.86 6.72
CA ALA B 214 11.07 3.36 7.18
CA ALA B 214 11.15 2.91 7.20
C ALA B 214 9.79 2.56 6.76
C ALA B 214 10.78 1.48 6.84
N PRO B 215 9.32 1.68 7.63
N PRO B 215 9.69 0.98 7.40
CA PRO B 215 8.14 0.88 7.26
CA PRO B 215 9.32 -0.36 7.01
C PRO B 215 6.91 1.73 7.01
C PRO B 215 10.03 -0.65 5.69
N PRO B 216 5.89 1.12 6.40
N PRO B 216 9.38 -1.16 4.63
CA PRO B 216 5.85 -0.24 5.99
CA PRO B 216 8.45 -1.65 3.61
C PRO B 216 6.19 -0.48 4.55
C PRO B 216 7.06 -1.10 3.55
N GLY B 217 6.35 0.55 3.77
N GLY B 217 6.76 -0.39 2.49
CA GLY B 217 6.57 0.29 2.36
CA GLY B 217 5.42 0.10 2.43
C GLY B 217 5.60 1.12 1.53
C GLY B 217 5.06 1.33 1.65
N ILE B 218 5.87 2.42 1.59
CA ILE B 218 5.29 3.55 0.88
C ILE B 218 6.31 4.18 -0.05
N SER B 219 5.77 4.87 -1.05
CA SER B 219 6.54 5.44 -2.13
C SER B 219 6.50 6.96 -2.07
N LEU B 220 7.59 7.57 -2.52
CA LEU B 220 7.76 9.01 -2.54
CA LEU B 220 7.75 9.02 -2.55
C LEU B 220 7.76 9.41 -4.03
N ILE B 221 7.01 10.44 -4.41
CA ILE B 221 6.96 10.85 -5.83
C ILE B 221 6.83 12.34 -6.01
N SER B 222 7.45 12.87 -7.09
CA SER B 222 7.41 14.30 -7.36
C SER B 222 7.35 14.56 -8.88
N PHE B 223 6.52 15.54 -9.25
CA PHE B 223 6.32 15.98 -10.64
C PHE B 223 6.57 17.47 -10.73
N ASN B 224 7.39 17.94 -11.67
CA ASN B 224 7.58 19.40 -11.90
C ASN B 224 6.44 19.92 -12.79
N ASP B 225 6.49 21.21 -13.14
CA ASP B 225 5.47 21.83 -13.99
C ASP B 225 5.37 21.25 -15.38
N LYS B 226 6.52 20.95 -16.01
CA LYS B 226 6.53 20.34 -17.36
C LYS B 226 5.80 18.97 -17.33
N ALA B 227 6.07 18.18 -16.30
CA ALA B 227 5.39 16.86 -16.11
C ALA B 227 3.90 17.04 -15.85
N LYS B 228 3.54 18.02 -15.00
CA LYS B 228 2.12 18.35 -14.76
C LYS B 228 1.37 18.67 -16.06
N TYR B 229 1.99 19.47 -16.95
CA TYR B 229 1.37 19.83 -18.24
C TYR B 229 1.03 18.60 -19.11
N LYS B 230 1.92 17.60 -19.12
CA LYS B 230 1.71 16.33 -19.84
C LYS B 230 0.48 15.59 -19.23
N VAL B 231 0.37 15.60 -17.91
CA VAL B 231 -0.74 14.94 -17.21
C VAL B 231 -2.11 15.64 -17.44
N TYR B 232 -2.16 16.97 -17.36
CA TYR B 232 -3.42 17.73 -17.62
C TYR B 232 -3.89 17.80 -19.09
N SER B 233 -2.99 17.54 -20.02
CA SER B 233 -3.30 17.56 -21.46
C SER B 233 -3.87 16.25 -21.99
N ARG B 234 -4.02 15.23 -21.12
CA ARG B 234 -4.53 13.95 -21.55
C ARG B 234 -5.93 14.05 -22.19
N LYS B 235 -6.12 13.30 -23.27
CA LYS B 235 -7.42 13.20 -23.96
C LYS B 235 -8.34 12.18 -23.25
N THR B 236 -7.75 11.28 -22.44
CA THR B 236 -8.49 10.30 -21.64
C THR B 236 -8.00 10.23 -20.19
N LYS B 237 -8.90 9.83 -19.30
CA LYS B 237 -8.55 9.64 -17.88
C LYS B 237 -7.50 8.51 -17.73
N PRO B 238 -6.56 8.63 -16.75
CA PRO B 238 -5.67 7.50 -16.51
C PRO B 238 -6.49 6.35 -15.93
N VAL B 239 -5.92 5.15 -16.04
CA VAL B 239 -6.65 3.93 -15.68
C VAL B 239 -6.97 3.75 -14.22
N SER B 240 -6.14 4.34 -13.34
CA SER B 240 -6.35 4.26 -11.91
C SER B 240 -6.93 5.58 -11.41
N PHE B 241 -8.05 5.49 -10.69
CA PHE B 241 -8.65 6.63 -10.00
C PHE B 241 -7.79 6.93 -8.77
N TYR B 242 -7.50 5.90 -7.98
CA TYR B 242 -6.75 6.04 -6.73
C TYR B 242 -5.33 6.60 -6.83
N THR B 243 -4.67 6.41 -7.98
CA THR B 243 -3.34 7.01 -8.21
C THR B 243 -3.36 8.14 -9.28
N ASP B 244 -4.54 8.68 -9.61
CA ASP B 244 -4.69 9.78 -10.54
C ASP B 244 -4.11 11.01 -9.83
N ILE B 245 -3.04 11.55 -10.40
CA ILE B 245 -2.33 12.66 -9.78
C ILE B 245 -3.18 13.95 -9.75
N THR B 246 -4.07 14.14 -10.74
CA THR B 246 -4.91 15.34 -10.86
C THR B 246 -5.96 15.42 -9.74
N TYR B 247 -6.23 14.28 -9.08
CA TYR B 247 -7.06 14.15 -7.87
C TYR B 247 -6.15 14.13 -6.61
N LEU B 248 -5.08 13.32 -6.61
CA LEU B 248 -4.11 13.26 -5.45
C LEU B 248 -3.42 14.59 -5.11
N ALA B 249 -3.16 15.42 -6.13
CA ALA B 249 -2.55 16.76 -5.92
C ALA B 249 -3.44 17.66 -5.04
N LYS B 250 -4.76 17.59 -5.28
CA LYS B 250 -5.74 18.37 -4.50
C LYS B 250 -5.82 17.88 -3.07
N LEU B 251 -5.89 16.56 -2.89
CA LEU B 251 -5.89 15.91 -1.55
C LEU B 251 -4.70 16.37 -0.70
N TRP B 252 -3.50 16.29 -1.28
CA TRP B 252 -2.25 16.67 -0.57
C TRP B 252 -1.98 18.19 -0.45
N GLY B 253 -2.86 19.04 -0.98
CA GLY B 253 -2.71 20.50 -0.92
C GLY B 253 -1.57 21.06 -1.76
N CYS B 254 -1.34 20.44 -2.93
CA CYS B 254 -0.24 20.80 -3.83
C CYS B 254 -0.49 21.94 -4.83
N GLU B 255 -1.67 22.55 -4.81
CA GLU B 255 -2.00 23.66 -5.72
C GLU B 255 -2.81 24.82 -5.10
N GLY B 256 -3.00 24.84 -3.77
CA GLY B 256 -3.83 25.85 -3.06
C GLY B 256 -5.35 25.64 -3.07
N GLU B 257 -5.86 24.83 -4.03
CA GLU B 257 -7.29 24.53 -4.25
C GLU B 257 -7.50 23.07 -3.79
N THR B 258 -7.99 22.91 -2.56
CA THR B 258 -8.18 21.57 -1.96
C THR B 258 -9.58 20.99 -2.21
N ARG B 259 -9.61 19.67 -2.44
CA ARG B 259 -10.84 18.89 -2.63
C ARG B 259 -10.52 17.54 -2.01
N VAL B 260 -11.12 17.26 -0.85
CA VAL B 260 -10.82 16.02 -0.07
C VAL B 260 -11.47 14.78 -0.71
N ILE B 261 -10.93 14.40 -1.87
CA ILE B 261 -11.33 13.20 -2.63
C ILE B 261 -10.75 12.06 -1.77
N HIS B 262 -11.54 11.01 -1.53
CA HIS B 262 -11.19 9.95 -0.53
C HIS B 262 -9.71 9.52 -0.47
N HIS B 263 -9.24 8.84 -1.52
CA HIS B 263 -7.85 8.35 -1.64
C HIS B 263 -7.24 7.50 -0.47
N THR B 264 -6.36 8.09 0.38
CA THR B 264 -5.66 7.31 1.42
C THR B 264 -4.70 8.05 2.39
N THR B 265 -4.41 7.38 3.51
CA THR B 265 -3.42 7.81 4.51
C THR B 265 -2.97 6.58 5.34
N PRO B 266 -1.84 5.93 4.96
CA PRO B 266 -1.29 4.82 5.76
C PRO B 266 -0.55 5.44 6.98
N VAL B 267 -1.30 5.68 8.05
CA VAL B 267 -0.82 6.44 9.25
C VAL B 267 0.52 6.01 9.90
N THR B 268 0.64 4.74 10.32
CA THR B 268 1.91 4.22 10.92
C THR B 268 3.08 4.38 9.95
N SER B 269 2.77 4.15 8.67
CA SER B 269 3.68 4.41 7.55
C SER B 269 4.25 5.79 7.55
N LEU B 270 3.33 6.77 7.66
CA LEU B 270 3.73 8.18 7.70
C LEU B 270 4.58 8.53 8.93
N TYR B 271 4.26 7.93 10.09
CA TYR B 271 5.02 8.18 11.31
C TYR B 271 6.48 7.79 11.14
N CYS B 272 6.70 6.57 10.65
CA CYS B 272 8.03 6.05 10.42
C CYS B 272 8.76 6.86 9.37
N LEU B 273 8.09 7.18 8.25
CA LEU B 273 8.71 8.01 7.22
C LEU B 273 9.12 9.38 7.74
N ARG B 274 8.24 10.01 8.53
CA ARG B 274 8.51 11.33 9.12
C ARG B 274 9.81 11.30 9.94
N GLU B 275 9.96 10.25 10.77
CA GLU B 275 11.13 10.07 11.64
C GLU B 275 12.40 9.82 10.85
N SER B 276 12.30 9.00 9.80
CA SER B 276 13.43 8.74 8.91
CA SER B 276 13.42 8.73 8.89
C SER B 276 13.88 10.03 8.23
N LEU B 277 12.92 10.80 7.72
CA LEU B 277 13.25 12.07 7.05
C LEU B 277 13.87 13.05 8.06
N ALA B 278 13.33 13.08 9.29
CA ALA B 278 13.91 13.86 10.40
C ALA B 278 15.37 13.44 10.68
N LEU B 279 15.66 12.14 10.68
CA LEU B 279 17.07 11.64 10.91
C LEU B 279 18.06 12.08 9.82
N ILE B 280 17.62 12.03 8.57
CA ILE B 280 18.43 12.43 7.42
C ILE B 280 18.66 13.94 7.45
N ALA B 281 17.62 14.72 7.76
CA ALA B 281 17.71 16.19 7.87
C ALA B 281 18.65 16.62 9.01
N GLU B 282 18.58 15.90 10.13
CA GLU B 282 19.44 16.09 11.32
C GLU B 282 20.92 15.82 10.97
N GLN B 283 21.19 14.70 10.31
CA GLN B 283 22.54 14.33 9.86
C GLN B 283 23.03 15.20 8.70
N GLY B 284 22.12 15.51 7.77
CA GLY B 284 22.42 16.28 6.57
C GLY B 284 22.76 15.32 5.43
N LEU B 285 22.23 15.60 4.24
CA LEU B 285 22.46 14.75 3.06
C LEU B 285 23.93 14.47 2.75
N GLU B 286 24.78 15.49 2.84
CA GLU B 286 26.22 15.36 2.55
C GLU B 286 26.88 14.28 3.41
N ASN B 287 26.61 14.31 4.72
CA ASN B 287 27.13 13.31 5.65
C ASN B 287 26.59 11.90 5.37
N CYS B 288 25.30 11.81 4.99
CA CYS B 288 24.67 10.53 4.63
CA CYS B 288 24.69 10.52 4.67
C CYS B 288 25.39 9.91 3.44
N TRP B 289 25.58 10.71 2.38
CA TRP B 289 26.31 10.23 1.18
C TRP B 289 27.74 9.80 1.51
N ARG B 290 28.44 10.57 2.36
CA ARG B 290 29.80 10.23 2.83
C ARG B 290 29.84 8.88 3.58
N ARG B 291 28.93 8.67 4.52
CA ARG B 291 28.84 7.40 5.27
C ARG B 291 28.72 6.17 4.35
N HIS B 292 27.88 6.30 3.31
CA HIS B 292 27.69 5.25 2.31
C HIS B 292 28.95 4.98 1.51
N ARG B 293 29.63 6.05 1.04
CA ARG B 293 30.90 5.91 0.31
CA ARG B 293 30.92 5.95 0.33
C ARG B 293 31.97 5.22 1.16
N GLU B 294 32.09 5.63 2.42
CA GLU B 294 33.07 5.08 3.36
C GLU B 294 32.82 3.60 3.65
N ALA B 295 31.57 3.25 3.98
CA ALA B 295 31.20 1.85 4.24
C ALA B 295 31.44 0.96 3.03
N THR B 296 31.02 1.42 1.85
CA THR B 296 31.20 0.70 0.59
C THR B 296 32.68 0.48 0.25
N ALA B 297 33.48 1.54 0.44
CA ALA B 297 34.95 1.50 0.22
C ALA B 297 35.55 0.38 1.08
N HIS B 298 35.17 0.36 2.36
CA HIS B 298 35.61 -0.66 3.32
C HIS B 298 35.17 -2.07 2.88
N LEU B 299 33.90 -2.22 2.46
CA LEU B 299 33.41 -3.54 1.97
C LEU B 299 34.18 -3.99 0.74
N HIS B 300 34.38 -3.07 -0.20
CA HIS B 300 35.07 -3.39 -1.46
C HIS B 300 36.51 -3.81 -1.23
N LYS B 301 37.20 -3.20 -0.27
CA LYS B 301 38.57 -3.58 0.10
C LYS B 301 38.59 -5.04 0.65
N HIS B 302 37.65 -5.38 1.53
CA HIS B 302 37.49 -6.76 2.02
C HIS B 302 37.24 -7.78 0.89
N LEU B 303 36.31 -7.44 -0.02
CA LEU B 303 35.97 -8.31 -1.16
C LEU B 303 37.18 -8.58 -2.07
N GLN B 304 37.90 -7.51 -2.42
CA GLN B 304 39.16 -7.58 -3.19
C GLN B 304 40.16 -8.55 -2.53
N GLU B 305 40.38 -8.35 -1.22
CA GLU B 305 41.31 -9.18 -0.44
C GLU B 305 40.98 -10.67 -0.32
N MET B 306 39.69 -11.04 -0.33
CA MET B 306 39.28 -12.46 -0.27
C MET B 306 39.11 -13.13 -1.66
N GLY B 307 39.50 -12.45 -2.74
CA GLY B 307 39.43 -12.98 -4.11
C GLY B 307 38.10 -12.94 -4.83
N LEU B 308 37.10 -12.23 -4.27
CA LEU B 308 35.78 -12.13 -4.91
C LEU B 308 35.81 -11.04 -6.00
N LYS B 309 35.13 -11.29 -7.12
CA LYS B 309 35.12 -10.39 -8.27
C LYS B 309 33.84 -9.59 -8.37
N PHE B 310 33.96 -8.32 -8.73
CA PHE B 310 32.83 -7.43 -8.91
C PHE B 310 32.12 -7.71 -10.21
N PHE B 311 30.79 -7.80 -10.15
CA PHE B 311 29.97 -8.00 -11.33
C PHE B 311 30.06 -6.76 -12.26
N VAL B 312 30.21 -5.57 -11.69
CA VAL B 312 30.35 -4.30 -12.42
C VAL B 312 31.84 -3.99 -12.62
N LYS B 313 32.30 -4.07 -13.87
CA LYS B 313 33.74 -3.87 -14.22
C LYS B 313 34.32 -2.49 -13.88
N ASP B 314 33.59 -1.41 -14.17
CA ASP B 314 34.08 -0.04 -13.94
C ASP B 314 33.76 0.36 -12.49
N PRO B 315 34.79 0.68 -11.65
CA PRO B 315 34.52 1.06 -10.25
C PRO B 315 33.62 2.30 -10.04
N GLU B 316 33.66 3.27 -10.96
CA GLU B 316 32.81 4.48 -10.85
C GLU B 316 31.31 4.24 -11.04
N ILE B 317 30.92 3.12 -11.67
CA ILE B 317 29.55 2.72 -11.93
CA ILE B 317 29.47 2.82 -11.83
C ILE B 317 29.00 1.77 -10.83
N ARG B 318 29.81 1.45 -9.81
CA ARG B 318 29.38 0.55 -8.73
C ARG B 318 28.47 1.29 -7.75
N LEU B 319 27.23 0.83 -7.63
CA LEU B 319 26.25 1.43 -6.73
C LEU B 319 26.69 1.26 -5.28
N PRO B 320 26.99 2.37 -4.56
CA PRO B 320 27.40 2.25 -3.15
C PRO B 320 26.46 1.43 -2.24
N THR B 321 25.16 1.60 -2.44
CA THR B 321 24.16 0.96 -1.60
C THR B 321 23.95 -0.55 -1.81
N ILE B 322 24.11 -1.07 -3.04
CA ILE B 322 23.91 -2.49 -3.33
C ILE B 322 25.03 -2.96 -4.28
N THR B 323 25.96 -3.76 -3.73
CA THR B 323 27.10 -4.30 -4.44
C THR B 323 26.78 -5.69 -5.00
N THR B 324 27.09 -5.92 -6.28
CA THR B 324 26.94 -7.20 -6.93
C THR B 324 28.31 -7.84 -7.00
N VAL B 325 28.38 -9.08 -6.51
CA VAL B 325 29.60 -9.88 -6.48
C VAL B 325 29.35 -11.10 -7.36
N THR B 326 30.24 -11.36 -8.30
CA THR B 326 30.17 -12.56 -9.15
C THR B 326 30.26 -13.81 -8.26
N VAL B 327 29.38 -14.79 -8.47
CA VAL B 327 29.41 -16.02 -7.66
C VAL B 327 30.77 -16.68 -7.95
N PRO B 328 31.54 -16.98 -6.90
CA PRO B 328 32.87 -17.57 -7.16
C PRO B 328 32.77 -18.97 -7.79
N ALA B 329 33.68 -19.26 -8.74
CA ALA B 329 33.72 -20.54 -9.46
C ALA B 329 33.80 -21.74 -8.50
N GLY B 330 33.01 -22.79 -8.79
CA GLY B 330 32.98 -24.01 -7.98
C GLY B 330 31.96 -24.07 -6.85
N TYR B 331 31.47 -22.93 -6.38
CA TYR B 331 30.50 -22.87 -5.28
C TYR B 331 29.06 -22.79 -5.75
N ASN B 332 28.16 -23.28 -4.88
CA ASN B 332 26.73 -23.14 -5.04
C ASN B 332 26.43 -21.86 -4.25
N TRP B 333 25.93 -20.81 -4.92
CA TRP B 333 25.61 -19.52 -4.24
C TRP B 333 24.61 -19.66 -3.08
N ARG B 334 23.65 -20.60 -3.19
CA ARG B 334 22.68 -20.84 -2.12
CA ARG B 334 22.67 -20.85 -2.12
C ARG B 334 23.38 -21.32 -0.83
N ASP B 335 24.42 -22.15 -0.98
CA ASP B 335 25.21 -22.62 0.17
C ASP B 335 25.90 -21.43 0.86
N ILE B 336 26.45 -20.51 0.08
CA ILE B 336 27.12 -19.33 0.65
C ILE B 336 26.11 -18.47 1.46
N VAL B 337 24.98 -18.16 0.83
CA VAL B 337 23.92 -17.35 1.46
C VAL B 337 23.39 -18.02 2.73
N SER B 338 23.14 -19.33 2.67
CA SER B 338 22.67 -20.11 3.83
C SER B 338 23.72 -20.15 4.95
N TYR B 339 24.99 -20.32 4.59
CA TYR B 339 26.08 -20.39 5.57
C TYR B 339 26.17 -19.07 6.36
N VAL B 340 26.12 -17.95 5.63
CA VAL B 340 26.14 -16.60 6.21
C VAL B 340 24.94 -16.41 7.16
N LEU B 341 23.76 -16.89 6.77
CA LEU B 341 22.56 -16.81 7.63
C LEU B 341 22.69 -17.74 8.86
N ASP B 342 22.98 -19.01 8.62
CA ASP B 342 23.03 -20.03 9.69
C ASP B 342 24.09 -19.81 10.77
N HIS B 343 25.28 -19.40 10.35
CA HIS B 343 26.42 -19.25 11.28
C HIS B 343 26.65 -17.85 11.83
N PHE B 344 26.12 -16.82 11.18
CA PHE B 344 26.33 -15.42 11.61
C PHE B 344 25.07 -14.57 11.78
N SER B 345 23.88 -15.12 11.48
CA SER B 345 22.62 -14.39 11.57
C SER B 345 22.60 -13.10 10.72
N ILE B 346 23.22 -13.19 9.53
CA ILE B 346 23.34 -12.09 8.58
C ILE B 346 22.63 -12.48 7.28
N GLU B 347 21.75 -11.61 6.79
CA GLU B 347 21.05 -11.84 5.55
C GLU B 347 21.78 -11.11 4.42
N ILE B 348 22.18 -11.88 3.41
CA ILE B 348 22.66 -11.36 2.10
C ILE B 348 21.72 -12.06 1.06
N SER B 349 21.86 -11.76 -0.22
CA SER B 349 20.99 -12.32 -1.26
CA SER B 349 20.99 -12.38 -1.23
C SER B 349 21.74 -12.77 -2.48
N GLY B 350 21.02 -13.46 -3.37
CA GLY B 350 21.49 -13.81 -4.68
C GLY B 350 21.10 -12.64 -5.59
N GLY B 351 20.94 -12.95 -6.87
CA GLY B 351 20.62 -11.97 -7.91
C GLY B 351 19.13 -11.75 -8.12
N LEU B 352 18.82 -10.98 -9.16
CA LEU B 352 17.45 -10.58 -9.50
C LEU B 352 17.37 -10.33 -11.00
N GLY B 353 16.28 -10.78 -11.61
CA GLY B 353 16.06 -10.63 -13.06
C GLY B 353 17.23 -11.20 -13.82
N PRO B 354 17.96 -10.36 -14.60
CA PRO B 354 19.05 -10.91 -15.39
C PRO B 354 20.31 -11.38 -14.63
N THR B 355 20.45 -11.01 -13.35
CA THR B 355 21.56 -11.50 -12.52
C THR B 355 21.16 -12.74 -11.69
N GLU B 356 19.96 -13.31 -11.88
CA GLU B 356 19.55 -14.53 -11.15
C GLU B 356 20.53 -15.66 -11.42
N GLU B 357 20.98 -16.33 -10.35
CA GLU B 357 22.00 -17.41 -10.38
C GLU B 357 23.43 -16.92 -10.67
N ARG B 358 23.65 -15.63 -10.96
CA ARG B 358 24.96 -15.10 -11.37
C ARG B 358 25.73 -14.31 -10.33
N VAL B 359 25.03 -13.71 -9.37
CA VAL B 359 25.66 -12.86 -8.35
C VAL B 359 25.18 -13.05 -6.92
N LEU B 360 25.95 -12.48 -6.00
CA LEU B 360 25.56 -12.28 -4.60
C LEU B 360 25.33 -10.77 -4.49
N ARG B 361 24.35 -10.35 -3.70
CA ARG B 361 24.06 -8.95 -3.47
C ARG B 361 24.19 -8.64 -1.98
N ILE B 362 24.95 -7.58 -1.69
CA ILE B 362 25.22 -7.11 -0.35
C ILE B 362 24.80 -5.64 -0.30
N GLY B 363 23.84 -5.33 0.57
CA GLY B 363 23.34 -3.98 0.76
C GLY B 363 23.86 -3.28 2.00
N LEU B 364 24.19 -1.99 1.86
CA LEU B 364 24.59 -1.10 2.95
C LEU B 364 23.63 0.09 2.80
N LEU B 365 22.52 -0.01 3.52
CA LEU B 365 21.38 0.91 3.42
C LEU B 365 21.09 1.68 4.71
N GLY B 366 21.56 2.92 4.75
CA GLY B 366 21.32 3.86 5.83
C GLY B 366 21.93 3.46 7.17
N TYR B 367 21.07 3.17 8.14
CA TYR B 367 21.46 2.78 9.51
C TYR B 367 22.52 1.66 9.56
N ASN B 368 22.37 0.68 8.68
CA ASN B 368 23.31 -0.44 8.57
C ASN B 368 24.64 -0.17 7.84
N ALA B 369 24.78 1.00 7.21
CA ALA B 369 26.00 1.34 6.46
C ALA B 369 27.09 1.77 7.43
N THR B 370 27.66 0.79 8.14
CA THR B 370 28.69 1.02 9.17
C THR B 370 29.87 0.09 8.96
N THR B 371 31.00 0.48 9.57
N THR B 371 31.03 0.47 9.50
CA THR B 371 32.25 -0.26 9.54
CA THR B 371 32.24 -0.34 9.34
C THR B 371 32.12 -1.62 10.16
C THR B 371 32.18 -1.63 10.18
N GLU B 372 31.48 -1.66 11.33
CA GLU B 372 31.29 -2.92 12.09
C GLU B 372 30.50 -3.92 11.26
N ASN B 373 29.41 -3.45 10.64
CA ASN B 373 28.59 -4.32 9.77
C ASN B 373 29.36 -4.90 8.58
N VAL B 374 30.19 -4.09 7.95
CA VAL B 374 31.07 -4.56 6.87
C VAL B 374 32.02 -5.67 7.38
N ASP B 375 32.66 -5.41 8.52
CA ASP B 375 33.58 -6.38 9.15
C ASP B 375 32.87 -7.70 9.48
N ARG B 376 31.63 -7.60 9.95
CA ARG B 376 30.82 -8.79 10.21
C ARG B 376 30.50 -9.63 8.96
N VAL B 377 30.06 -8.97 7.88
CA VAL B 377 29.71 -9.69 6.65
C VAL B 377 30.97 -10.25 5.97
N ALA B 378 32.07 -9.49 6.02
CA ALA B 378 33.37 -9.95 5.47
C ALA B 378 33.82 -11.25 6.14
N GLU B 379 33.72 -11.33 7.47
CA GLU B 379 34.10 -12.57 8.19
C GLU B 379 33.20 -13.75 7.81
N ALA B 380 31.90 -13.48 7.75
CA ALA B 380 30.92 -14.49 7.37
C ALA B 380 31.22 -15.02 5.95
N LEU B 381 31.55 -14.12 5.02
CA LEU B 381 31.90 -14.51 3.64
C LEU B 381 33.22 -15.30 3.57
N ARG B 382 34.25 -14.88 4.31
CA ARG B 382 35.53 -15.63 4.33
C ARG B 382 35.31 -17.05 4.85
N GLU B 383 34.50 -17.19 5.88
CA GLU B 383 34.23 -18.53 6.42
C GLU B 383 33.37 -19.40 5.48
N ALA B 384 32.39 -18.79 4.81
CA ALA B 384 31.58 -19.51 3.79
C ALA B 384 32.47 -20.04 2.67
N LEU B 385 33.41 -19.23 2.20
CA LEU B 385 34.36 -19.66 1.16
C LEU B 385 35.31 -20.78 1.66
N GLN B 386 35.56 -20.81 2.96
CA GLN B 386 36.39 -21.87 3.56
C GLN B 386 35.65 -23.18 3.71
N HIS B 387 34.39 -23.09 4.17
CA HIS B 387 33.60 -24.25 4.56
C HIS B 387 32.51 -24.74 3.61
N CYS B 388 32.09 -23.94 2.65
CA CYS B 388 31.08 -24.42 1.69
C CYS B 388 31.78 -25.35 0.67
N PRO B 389 31.09 -26.40 0.16
CA PRO B 389 31.75 -27.32 -0.77
C PRO B 389 32.09 -26.64 -2.11
N LYS B 390 33.27 -26.95 -2.65
CA LYS B 390 33.76 -26.35 -3.91
C LYS B 390 34.20 -27.41 -4.93
N ASN B 391 33.91 -27.16 -6.22
CA ASN B 391 34.35 -28.03 -7.32
C ASN B 391 35.76 -27.64 -7.74
CL CL C . -4.60 3.53 18.79
MG MG D . -25.03 3.49 28.54
C1 EDO E . -19.88 -6.72 28.46
O1 EDO E . -19.33 -7.95 27.96
C2 EDO E . -20.80 -6.09 27.41
O2 EDO E . -21.00 -4.71 27.76
C1 EDO F . -8.20 -3.34 -18.46
O1 EDO F . -8.58 -4.64 -18.84
C2 EDO F . -7.97 -3.29 -16.96
O2 EDO F . -6.89 -4.16 -16.55
C1 EDO G . -24.31 3.94 -20.15
O1 EDO G . -24.63 3.91 -18.76
C2 EDO G . -22.85 3.52 -20.33
O2 EDO G . -22.77 2.08 -20.15
C1 EDO H . -28.60 -12.41 5.03
O1 EDO H . -29.01 -12.17 3.66
C2 EDO H . -27.80 -11.28 5.67
O2 EDO H . -26.65 -11.04 4.86
C1 EDO I . -3.32 0.85 -8.76
O1 EDO I . -4.44 0.21 -8.12
C2 EDO I . -2.17 -0.15 -8.95
O2 EDO I . -0.93 0.53 -9.25
C1 EDO J . -31.93 -16.96 -0.33
O1 EDO J . -33.03 -16.35 -1.02
C2 EDO J . -31.49 -18.16 -1.15
O2 EDO J . -30.15 -18.62 -0.83
CL CL K . 15.13 -3.95 12.61
C1 EDO L . -3.42 4.87 -19.87
O1 EDO L . -3.07 6.24 -20.07
C2 EDO L . -2.89 4.47 -18.48
O2 EDO L . -3.35 5.37 -17.47
C1 EDO M . 9.67 -7.51 -16.43
O1 EDO M . 8.49 -7.36 -15.63
C2 EDO M . 10.36 -8.81 -16.06
O2 EDO M . 10.52 -8.85 -14.64
C1 EDO N . 26.55 11.60 -10.88
O1 EDO N . 25.14 11.53 -11.12
C2 EDO N . 27.19 12.66 -11.76
O2 EDO N . 26.70 12.65 -13.11
#